data_4AQH
#
_entry.id   4AQH
#
_cell.length_a   119.399
_cell.length_b   119.399
_cell.length_c   99.691
_cell.angle_alpha   90.00
_cell.angle_beta   90.00
_cell.angle_gamma   120.00
#
_symmetry.space_group_name_H-M   'P 31'
#
loop_
_entity.id
_entity.type
_entity.pdbx_description
1 polymer 'PLASMINOGEN ACTIVATOR INHIBITOR 1'
2 non-polymer 'TERT-BUTYL 3-[(4-OXO-3H-PYRIDO[2,3-D]PYRIMIDIN-2-YL)AMINO]AZETIDINE-1-CARBOXYLATE'
3 water water
#
_entity_poly.entity_id   1
_entity_poly.type   'polypeptide(L)'
_entity_poly.pdbx_seq_one_letter_code
;GSHMVHHPPSYVAHLASDFGVRVFQQVAQASKDRNVVFSPYGVASVLAMLQLTTGGETQQQIQAAMGFKIDDKGMAPALR
HLYKELMGPWNKDEISTTDAIFVQRDLKLVQGFMPHFFRLFRSTVKQVDFSEVERARFIINDWVKTHTKGMISNLLGKGA
VDQLTRLVLVNALYFNGQWKTPFPDSSTHRRLFHKSDGSTVSVPMMAQTNKFNYTEFTTPDGHYYDILELPYHGDTLSMF
IAAPYEKEVPLSALTNILSAQLISHWKGNMTRLPRLLVLPKFSLETEVDLRKPLENLGMTDMFRQFQADFTSLSDQEPLH
VAQALQKVKIEVNESGTVASSSTAVIVSARMAPEEIIMDRPFLFVVRHNPTGTVLFMGQVMEP
;
_entity_poly.pdbx_strand_id   A,B,C
#
loop_
_chem_comp.id
_chem_comp.type
_chem_comp.name
_chem_comp.formula
TB7 non-polymer 'TERT-BUTYL 3-[(4-OXO-3H-PYRIDO[2,3-D]PYRIMIDIN-2-YL)AMINO]AZETIDINE-1-CARBOXYLATE' 'C15 H19 N5 O3'
#
# COMPACT_ATOMS: atom_id res chain seq x y z
N SER A 2 -1.89 -31.19 -15.02
CA SER A 2 -0.82 -30.10 -14.97
C SER A 2 -0.66 -29.35 -16.27
N HIS A 3 -0.86 -30.00 -17.41
CA HIS A 3 -0.86 -29.32 -18.72
C HIS A 3 -2.05 -28.40 -19.00
N MET A 4 -3.10 -28.46 -18.19
CA MET A 4 -4.34 -27.77 -18.52
C MET A 4 -4.70 -26.73 -17.48
N VAL A 5 -4.11 -26.87 -16.30
CA VAL A 5 -4.39 -26.02 -15.15
C VAL A 5 -3.11 -25.44 -14.58
N HIS A 6 -3.05 -24.11 -14.49
CA HIS A 6 -1.84 -23.45 -14.06
C HIS A 6 -2.14 -22.33 -13.07
N HIS A 7 -1.25 -22.19 -12.10
CA HIS A 7 -1.29 -21.07 -11.18
C HIS A 7 -0.52 -19.91 -11.81
N PRO A 8 -1.20 -18.80 -12.13
CA PRO A 8 -0.48 -17.87 -12.99
C PRO A 8 0.85 -17.34 -12.44
N PRO A 9 0.89 -16.84 -11.17
CA PRO A 9 2.24 -16.42 -10.74
C PRO A 9 3.31 -17.52 -10.83
N SER A 10 2.92 -18.76 -10.61
CA SER A 10 3.93 -19.83 -10.64
C SER A 10 4.33 -20.13 -12.08
N TYR A 11 3.59 -19.57 -13.03
CA TYR A 11 3.76 -19.86 -14.44
C TYR A 11 4.22 -18.62 -15.24
N VAL A 12 4.60 -17.52 -14.56
CA VAL A 12 4.87 -16.24 -15.25
C VAL A 12 5.99 -16.30 -16.30
N ALA A 13 7.05 -17.03 -15.98
CA ALA A 13 8.14 -17.21 -16.89
C ALA A 13 7.58 -17.75 -18.23
N HIS A 14 6.74 -18.78 -18.18
CA HIS A 14 6.23 -19.37 -19.41
C HIS A 14 5.31 -18.43 -20.13
N LEU A 15 4.53 -17.66 -19.36
CA LEU A 15 3.52 -16.82 -19.91
C LEU A 15 4.16 -15.66 -20.67
N ALA A 16 5.08 -15.00 -19.99
CA ALA A 16 5.92 -13.93 -20.53
C ALA A 16 6.71 -14.40 -21.76
N SER A 17 7.31 -15.58 -21.69
CA SER A 17 8.01 -16.15 -22.82
C SER A 17 7.06 -16.47 -24.00
N ASP A 18 5.84 -16.92 -23.70
CA ASP A 18 4.92 -17.26 -24.76
C ASP A 18 4.42 -16.02 -25.48
N PHE A 19 4.23 -14.96 -24.71
CA PHE A 19 3.74 -13.73 -25.27
C PHE A 19 4.82 -13.16 -26.18
N GLY A 20 6.07 -13.24 -25.72
CA GLY A 20 7.20 -12.65 -26.41
C GLY A 20 7.51 -13.40 -27.69
N VAL A 21 7.39 -14.73 -27.65
CA VAL A 21 7.43 -15.54 -28.85
C VAL A 21 6.35 -15.10 -29.87
N ARG A 22 5.11 -14.92 -29.43
CA ARG A 22 4.02 -14.52 -30.35
C ARG A 22 4.30 -13.19 -31.07
N VAL A 23 5.05 -12.29 -30.41
CA VAL A 23 5.43 -11.01 -30.97
C VAL A 23 6.48 -11.24 -32.04
N PHE A 24 7.42 -12.16 -31.78
CA PHE A 24 8.38 -12.60 -32.80
C PHE A 24 7.71 -13.17 -34.05
N GLN A 25 6.66 -13.94 -33.87
CA GLN A 25 5.93 -14.48 -35.02
C GLN A 25 5.41 -13.38 -35.90
N GLN A 26 4.90 -12.35 -35.28
CA GLN A 26 4.40 -11.22 -36.02
C GLN A 26 5.48 -10.54 -36.82
N VAL A 27 6.68 -10.48 -36.22
CA VAL A 27 7.81 -9.84 -36.86
C VAL A 27 8.28 -10.72 -38.00
N ALA A 28 8.30 -12.04 -37.78
CA ALA A 28 8.71 -13.00 -38.82
C ALA A 28 7.70 -13.05 -39.97
N GLN A 29 6.39 -12.94 -39.65
CA GLN A 29 5.31 -13.08 -40.65
C GLN A 29 5.25 -11.85 -41.55
N ALA A 30 5.92 -10.78 -41.13
CA ALA A 30 5.88 -9.55 -41.89
C ALA A 30 6.76 -9.58 -43.13
N SER A 31 7.88 -10.31 -43.06
CA SER A 31 8.89 -10.42 -44.12
C SER A 31 9.31 -11.88 -44.20
N LYS A 32 9.46 -12.42 -45.40
CA LYS A 32 9.94 -13.76 -45.67
C LYS A 32 11.46 -13.92 -45.53
N ASP A 33 11.86 -14.89 -44.68
CA ASP A 33 13.28 -15.30 -44.52
C ASP A 33 14.16 -14.20 -43.92
N ARG A 34 13.49 -13.34 -43.15
CA ARG A 34 14.12 -12.17 -42.56
C ARG A 34 15.21 -12.64 -41.64
N ASN A 35 16.40 -12.06 -41.77
CA ASN A 35 17.49 -12.36 -40.85
C ASN A 35 17.31 -11.32 -39.75
N VAL A 36 16.85 -11.78 -38.60
CA VAL A 36 16.53 -10.89 -37.51
C VAL A 36 16.85 -11.57 -36.17
N VAL A 37 17.24 -10.78 -35.18
CA VAL A 37 17.42 -11.24 -33.81
C VAL A 37 16.48 -10.50 -32.87
N PHE A 38 15.93 -11.24 -31.91
CA PHE A 38 14.85 -10.74 -31.10
C PHE A 38 14.98 -11.20 -29.61
N SER A 39 14.39 -10.43 -28.71
CA SER A 39 14.28 -10.83 -27.31
C SER A 39 12.83 -10.95 -26.80
N PRO A 40 12.27 -12.16 -26.77
CA PRO A 40 10.94 -12.27 -26.21
C PRO A 40 10.82 -11.71 -24.77
N TYR A 41 11.87 -11.89 -23.95
CA TYR A 41 11.87 -11.48 -22.55
C TYR A 41 11.93 -9.98 -22.44
N GLY A 42 12.68 -9.35 -23.35
CA GLY A 42 12.77 -7.90 -23.37
C GLY A 42 11.47 -7.19 -23.68
N VAL A 43 10.66 -7.75 -24.60
CA VAL A 43 9.36 -7.13 -24.94
C VAL A 43 8.35 -7.41 -23.85
N ALA A 44 8.40 -8.58 -23.26
CA ALA A 44 7.49 -8.93 -22.14
C ALA A 44 7.68 -8.03 -20.90
N SER A 45 8.93 -7.69 -20.60
CA SER A 45 9.28 -6.83 -19.48
C SER A 45 8.71 -5.39 -19.67
N VAL A 46 8.84 -4.81 -20.86
CA VAL A 46 8.37 -3.46 -21.14
C VAL A 46 6.86 -3.43 -21.14
N LEU A 47 6.26 -4.45 -21.72
CA LEU A 47 4.81 -4.50 -21.78
C LEU A 47 4.19 -4.79 -20.42
N ALA A 48 4.87 -5.59 -19.61
CA ALA A 48 4.48 -5.72 -18.20
C ALA A 48 4.53 -4.33 -17.51
N MET A 49 5.56 -3.52 -17.78
CA MET A 49 5.62 -2.19 -17.19
C MET A 49 4.43 -1.40 -17.67
N LEU A 50 4.12 -1.53 -18.96
CA LEU A 50 2.99 -0.84 -19.55
C LEU A 50 1.64 -1.23 -18.85
N GLN A 51 1.56 -2.44 -18.27
CA GLN A 51 0.39 -2.81 -17.47
C GLN A 51 0.24 -1.97 -16.19
N LEU A 52 1.37 -1.41 -15.70
CA LEU A 52 1.33 -0.54 -14.51
C LEU A 52 1.01 0.87 -14.90
N THR A 53 1.34 1.27 -16.14
CA THR A 53 1.22 2.66 -16.50
C THR A 53 -0.11 2.97 -17.14
N THR A 54 -0.66 2.04 -17.91
CA THR A 54 -1.90 2.26 -18.62
C THR A 54 -3.08 1.94 -17.71
N GLY A 55 -4.29 2.32 -18.14
CA GLY A 55 -5.52 2.06 -17.44
C GLY A 55 -6.65 1.89 -18.45
N GLY A 56 -7.84 1.50 -17.97
CA GLY A 56 -8.98 1.34 -18.84
C GLY A 56 -8.83 0.24 -19.90
N GLU A 57 -9.41 0.48 -21.07
CA GLU A 57 -9.30 -0.45 -22.20
C GLU A 57 -7.84 -0.59 -22.62
N THR A 58 -7.09 0.51 -22.59
CA THR A 58 -5.67 0.45 -22.95
C THR A 58 -4.97 -0.65 -22.15
N GLN A 59 -5.28 -0.78 -20.86
CA GLN A 59 -4.67 -1.79 -19.97
C GLN A 59 -5.26 -3.16 -20.20
N GLN A 60 -6.59 -3.19 -20.31
CA GLN A 60 -7.39 -4.37 -20.67
C GLN A 60 -6.78 -5.11 -21.87
N GLN A 61 -6.64 -4.38 -22.98
CA GLN A 61 -6.06 -4.91 -24.22
C GLN A 61 -4.70 -5.52 -24.02
N ILE A 62 -3.85 -4.86 -23.22
CA ILE A 62 -2.51 -5.38 -22.93
C ILE A 62 -2.51 -6.66 -22.07
N GLN A 63 -3.27 -6.66 -20.97
CA GLN A 63 -3.42 -7.85 -20.12
C GLN A 63 -3.97 -9.02 -20.90
N ALA A 64 -4.89 -8.75 -21.83
CA ALA A 64 -5.46 -9.79 -22.70
C ALA A 64 -4.40 -10.49 -23.57
N ALA A 65 -3.63 -9.71 -24.34
CA ALA A 65 -2.59 -10.28 -25.20
C ALA A 65 -1.50 -11.02 -24.46
N MET A 66 -1.06 -10.47 -23.32
CA MET A 66 -0.01 -11.10 -22.52
C MET A 66 -0.55 -12.34 -21.84
N GLY A 67 -1.83 -12.29 -21.47
CA GLY A 67 -2.54 -13.44 -20.94
C GLY A 67 -2.29 -13.67 -19.45
N PHE A 68 -2.03 -12.56 -18.76
CA PHE A 68 -1.82 -12.53 -17.30
C PHE A 68 -1.79 -11.08 -16.80
N LYS A 69 -2.06 -10.88 -15.50
CA LYS A 69 -2.06 -9.51 -14.91
C LYS A 69 -0.93 -9.41 -13.92
N ILE A 70 -0.10 -8.39 -14.10
CA ILE A 70 1.13 -8.22 -13.36
C ILE A 70 0.89 -7.86 -11.88
N ASP A 71 -0.35 -7.45 -11.54
CA ASP A 71 -0.73 -6.93 -10.21
C ASP A 71 -1.56 -7.97 -9.45
N ASP A 72 -1.67 -9.17 -10.00
CA ASP A 72 -2.31 -10.26 -9.30
C ASP A 72 -1.57 -10.68 -8.02
N LYS A 73 -2.36 -11.07 -7.03
CA LYS A 73 -1.88 -11.54 -5.77
C LYS A 73 -0.80 -12.59 -6.02
N GLY A 74 0.38 -12.40 -5.45
CA GLY A 74 1.44 -13.36 -5.62
C GLY A 74 2.38 -13.08 -6.77
N MET A 75 2.02 -12.17 -7.66
CA MET A 75 2.95 -11.88 -8.76
C MET A 75 4.30 -11.39 -8.23
N ALA A 76 4.26 -10.42 -7.31
CA ALA A 76 5.45 -9.79 -6.76
C ALA A 76 6.53 -10.74 -6.28
N PRO A 77 6.17 -11.66 -5.39
CA PRO A 77 7.18 -12.62 -4.94
C PRO A 77 7.67 -13.52 -6.07
N ALA A 78 6.80 -13.89 -7.02
CA ALA A 78 7.22 -14.71 -8.20
C ALA A 78 8.25 -13.98 -9.11
N LEU A 79 8.08 -12.66 -9.20
CA LEU A 79 8.97 -11.82 -9.97
C LEU A 79 10.33 -11.62 -9.28
N ARG A 80 10.30 -11.47 -7.96
CA ARG A 80 11.54 -11.42 -7.16
C ARG A 80 12.28 -12.73 -7.36
N HIS A 81 11.58 -13.86 -7.25
CA HIS A 81 12.19 -15.18 -7.43
C HIS A 81 12.75 -15.43 -8.85
N LEU A 82 11.97 -15.05 -9.86
CA LEU A 82 12.41 -15.09 -11.25
C LEU A 82 13.67 -14.24 -11.51
N TYR A 83 13.70 -13.00 -11.03
CA TYR A 83 14.93 -12.16 -11.13
C TYR A 83 16.14 -12.85 -10.50
N LYS A 84 16.00 -13.34 -9.25
CA LYS A 84 17.08 -14.04 -8.56
C LYS A 84 17.57 -15.26 -9.33
N GLU A 85 16.64 -16.08 -9.82
CA GLU A 85 17.00 -17.29 -10.56
C GLU A 85 17.87 -16.95 -11.79
N LEU A 86 17.43 -15.94 -12.55
CA LEU A 86 18.19 -15.43 -13.72
C LEU A 86 19.52 -14.81 -13.37
N MET A 87 19.55 -14.01 -12.29
CA MET A 87 20.75 -13.21 -11.97
C MET A 87 21.81 -13.94 -11.17
N GLY A 88 21.40 -14.97 -10.43
CA GLY A 88 22.32 -15.65 -9.51
C GLY A 88 23.62 -16.19 -10.07
N PRO A 89 24.67 -16.23 -9.23
CA PRO A 89 25.97 -16.72 -9.72
C PRO A 89 26.04 -18.23 -10.01
N TRP A 90 25.06 -19.02 -9.62
CA TRP A 90 25.06 -20.43 -9.98
C TRP A 90 24.90 -20.67 -11.50
N ASN A 91 24.41 -19.65 -12.21
CA ASN A 91 24.30 -19.68 -13.69
C ASN A 91 25.61 -19.66 -14.43
N LYS A 92 26.64 -19.07 -13.83
CA LYS A 92 27.98 -18.93 -14.44
C LYS A 92 28.01 -17.99 -15.63
N ASP A 93 27.20 -18.25 -16.63
CA ASP A 93 27.06 -17.33 -17.72
C ASP A 93 26.32 -16.13 -17.19
N GLU A 94 26.66 -14.97 -17.74
CA GLU A 94 26.17 -13.73 -17.19
C GLU A 94 24.83 -13.35 -17.84
N ILE A 95 23.89 -12.92 -17.04
CA ILE A 95 22.65 -12.40 -17.53
C ILE A 95 22.47 -11.13 -16.76
N SER A 96 21.93 -10.08 -17.41
CA SER A 96 21.63 -8.83 -16.73
C SER A 96 20.36 -8.21 -17.34
N THR A 97 19.40 -7.85 -16.49
CA THR A 97 18.20 -7.23 -16.97
C THR A 97 17.83 -6.02 -16.10
N THR A 98 17.46 -4.92 -16.73
CA THR A 98 17.15 -3.68 -16.03
C THR A 98 16.02 -2.97 -16.76
N ASP A 99 15.12 -2.34 -16.00
CA ASP A 99 13.95 -1.65 -16.51
C ASP A 99 13.91 -0.20 -16.07
N ALA A 100 13.51 0.71 -16.96
CA ALA A 100 13.45 2.11 -16.62
C ALA A 100 12.30 2.79 -17.30
N ILE A 101 11.76 3.79 -16.61
CA ILE A 101 10.72 4.67 -17.08
C ILE A 101 11.31 6.07 -16.96
N PHE A 102 11.40 6.78 -18.08
CA PHE A 102 11.86 8.17 -18.12
C PHE A 102 10.63 9.02 -18.39
N VAL A 103 10.38 10.01 -17.52
CA VAL A 103 9.13 10.75 -17.48
C VAL A 103 9.43 12.26 -17.43
N GLN A 104 8.66 13.07 -18.13
CA GLN A 104 8.80 14.53 -18.10
C GLN A 104 8.75 15.02 -16.63
N ARG A 105 9.79 15.77 -16.25
CA ARG A 105 10.02 16.10 -14.86
C ARG A 105 8.91 16.87 -14.16
N ASP A 106 8.19 17.75 -14.85
CA ASP A 106 7.11 18.48 -14.14
C ASP A 106 5.75 17.74 -14.13
N LEU A 107 5.77 16.42 -14.34
CA LEU A 107 4.54 15.66 -14.55
C LEU A 107 4.09 14.98 -13.28
N LYS A 108 2.92 15.35 -12.79
CA LYS A 108 2.42 14.82 -11.54
C LYS A 108 1.95 13.37 -11.74
N LEU A 109 2.46 12.46 -10.91
CA LEU A 109 2.17 11.05 -11.05
C LEU A 109 1.20 10.61 -9.98
N VAL A 110 0.37 9.61 -10.29
CA VAL A 110 -0.57 9.20 -9.29
C VAL A 110 0.14 8.53 -8.08
N GLN A 111 -0.32 8.87 -6.88
CA GLN A 111 0.37 8.45 -5.63
C GLN A 111 0.79 6.98 -5.62
N GLY A 112 -0.14 6.12 -6.02
CA GLY A 112 0.02 4.69 -5.91
C GLY A 112 0.99 4.06 -6.89
N PHE A 113 1.46 4.83 -7.88
CA PHE A 113 2.36 4.28 -8.89
C PHE A 113 3.74 3.91 -8.38
N MET A 114 4.36 4.78 -7.60
CA MET A 114 5.72 4.53 -7.11
C MET A 114 5.88 3.20 -6.35
N PRO A 115 5.00 2.88 -5.38
CA PRO A 115 5.18 1.57 -4.72
C PRO A 115 5.00 0.36 -5.65
N HIS A 116 4.05 0.47 -6.56
CA HIS A 116 3.84 -0.62 -7.50
C HIS A 116 5.09 -0.86 -8.30
N PHE A 117 5.64 0.21 -8.87
CA PHE A 117 6.78 0.10 -9.80
C PHE A 117 7.94 -0.48 -9.03
N PHE A 118 8.10 -0.08 -7.77
CA PHE A 118 9.19 -0.61 -6.96
C PHE A 118 8.96 -2.04 -6.50
N ARG A 119 7.73 -2.42 -6.21
CA ARG A 119 7.44 -3.78 -5.72
C ARG A 119 7.69 -4.80 -6.81
N LEU A 120 7.22 -4.45 -8.02
CA LEU A 120 7.31 -5.34 -9.15
C LEU A 120 8.63 -5.23 -9.94
N PHE A 121 9.14 -4.01 -10.19
CA PHE A 121 10.40 -3.80 -10.95
C PHE A 121 11.66 -3.30 -10.21
N ARG A 122 11.62 -3.16 -8.89
CA ARG A 122 12.74 -2.66 -8.09
C ARG A 122 13.39 -1.45 -8.77
N SER A 123 12.54 -0.60 -9.35
CA SER A 123 12.96 0.49 -10.20
C SER A 123 12.25 1.78 -9.76
N THR A 124 12.79 2.92 -10.18
CA THR A 124 12.35 4.21 -9.74
C THR A 124 12.28 5.11 -10.97
N VAL A 125 11.22 5.85 -11.08
CA VAL A 125 10.98 6.65 -12.25
C VAL A 125 12.08 7.68 -12.33
N LYS A 126 12.63 7.84 -13.52
CA LYS A 126 13.71 8.80 -13.79
C LYS A 126 13.12 10.02 -14.47
N GLN A 127 13.16 11.16 -13.77
CA GLN A 127 12.66 12.42 -14.30
C GLN A 127 13.67 13.06 -15.23
N VAL A 128 13.22 13.49 -16.41
CA VAL A 128 14.07 14.18 -17.36
C VAL A 128 13.29 15.29 -18.07
N ASP A 129 13.99 16.34 -18.43
CA ASP A 129 13.37 17.41 -19.18
C ASP A 129 13.62 17.20 -20.69
N PHE A 130 12.64 16.57 -21.35
CA PHE A 130 12.70 16.23 -22.76
C PHE A 130 12.76 17.46 -23.69
N SER A 131 12.40 18.62 -23.15
CA SER A 131 12.42 19.84 -23.94
C SER A 131 13.87 20.20 -24.21
N GLU A 132 14.79 19.61 -23.45
CA GLU A 132 16.21 19.68 -23.78
C GLU A 132 16.54 18.41 -24.53
N VAL A 133 16.12 18.39 -25.81
CA VAL A 133 16.13 17.20 -26.68
C VAL A 133 17.44 16.38 -26.76
N GLU A 134 18.57 17.03 -27.05
CA GLU A 134 19.84 16.31 -27.28
C GLU A 134 20.45 15.74 -25.99
N ARG A 135 20.29 16.50 -24.92
CA ARG A 135 20.68 16.07 -23.58
C ARG A 135 19.86 14.84 -23.16
N ALA A 136 18.54 14.88 -23.33
CA ALA A 136 17.66 13.79 -22.96
C ALA A 136 17.94 12.52 -23.73
N ARG A 137 18.11 12.66 -25.04
CA ARG A 137 18.52 11.57 -25.94
C ARG A 137 19.82 10.94 -25.44
N PHE A 138 20.81 11.78 -25.08
CA PHE A 138 22.04 11.28 -24.47
C PHE A 138 21.84 10.62 -23.09
N ILE A 139 20.98 11.18 -22.26
CA ILE A 139 20.74 10.55 -20.95
C ILE A 139 20.18 9.12 -21.10
N ILE A 140 19.20 8.91 -21.97
CA ILE A 140 18.59 7.60 -22.14
C ILE A 140 19.57 6.70 -22.88
N ASN A 141 20.32 7.27 -23.84
CA ASN A 141 21.31 6.50 -24.61
C ASN A 141 22.47 6.00 -23.75
N ASP A 142 23.01 6.88 -22.91
CA ASP A 142 24.09 6.49 -21.98
C ASP A 142 23.60 5.35 -21.03
N TRP A 143 22.36 5.46 -20.54
CA TRP A 143 21.79 4.44 -19.64
C TRP A 143 21.66 3.06 -20.32
N VAL A 144 21.21 3.07 -21.57
CA VAL A 144 21.16 1.85 -22.34
C VAL A 144 22.55 1.32 -22.61
N LYS A 145 23.49 2.20 -22.96
CA LYS A 145 24.87 1.79 -23.23
C LYS A 145 25.49 1.11 -21.99
N THR A 146 25.19 1.65 -20.82
CA THR A 146 25.67 1.09 -19.54
C THR A 146 25.08 -0.31 -19.28
N HIS A 147 23.78 -0.46 -19.39
CA HIS A 147 23.11 -1.68 -18.96
C HIS A 147 23.16 -2.79 -20.01
N THR A 148 23.81 -2.50 -21.14
CA THR A 148 24.08 -3.51 -22.12
C THR A 148 25.57 -3.69 -22.27
N LYS A 149 26.29 -3.21 -21.27
CA LYS A 149 27.73 -3.38 -21.17
C LYS A 149 28.47 -2.83 -22.40
N GLY A 150 27.95 -1.73 -22.92
CA GLY A 150 28.58 -1.04 -24.05
C GLY A 150 28.20 -1.52 -25.44
N MET A 151 27.27 -2.49 -25.53
CA MET A 151 26.93 -3.12 -26.81
C MET A 151 25.94 -2.27 -27.66
N ILE A 152 24.95 -1.67 -27.01
CA ILE A 152 24.01 -0.84 -27.69
C ILE A 152 24.28 0.58 -27.15
N SER A 153 25.03 1.37 -27.93
CA SER A 153 25.42 2.75 -27.56
C SER A 153 24.48 3.85 -28.02
N ASN A 154 23.79 3.65 -29.14
CA ASN A 154 22.93 4.71 -29.71
C ASN A 154 21.62 4.14 -30.16
N LEU A 155 20.83 3.69 -29.20
CA LEU A 155 19.50 3.18 -29.46
C LEU A 155 18.66 4.24 -30.09
N LEU A 156 18.76 5.44 -29.54
CA LEU A 156 17.96 6.59 -29.92
C LEU A 156 18.83 7.53 -30.77
N GLY A 157 18.67 7.44 -32.08
CA GLY A 157 19.39 8.32 -33.01
C GLY A 157 18.57 9.58 -33.27
N LYS A 158 19.00 10.33 -34.28
CA LYS A 158 18.43 11.65 -34.62
C LYS A 158 16.94 11.60 -34.97
N GLY A 159 16.10 12.21 -34.14
CA GLY A 159 14.64 12.17 -34.37
C GLY A 159 13.85 11.11 -33.56
N ALA A 160 14.54 10.29 -32.77
CA ALA A 160 13.86 9.27 -31.99
C ALA A 160 13.05 9.87 -30.82
N VAL A 161 13.43 11.07 -30.33
CA VAL A 161 12.71 11.82 -29.29
C VAL A 161 12.65 13.32 -29.57
N ASP A 162 11.65 14.03 -29.02
CA ASP A 162 11.54 15.47 -29.24
C ASP A 162 10.89 16.24 -28.08
N GLN A 163 10.59 17.54 -28.28
CA GLN A 163 10.13 18.42 -27.19
C GLN A 163 8.82 17.95 -26.63
N LEU A 164 8.08 17.22 -27.45
CA LEU A 164 6.76 16.76 -27.06
C LEU A 164 6.85 15.37 -26.44
N THR A 165 8.04 14.77 -26.42
CA THR A 165 8.19 13.48 -25.72
C THR A 165 7.97 13.66 -24.20
N ARG A 166 7.17 12.78 -23.60
CA ARG A 166 6.88 12.93 -22.17
C ARG A 166 7.16 11.63 -21.40
N LEU A 167 7.16 10.51 -22.11
CA LEU A 167 7.42 9.20 -21.53
C LEU A 167 8.28 8.29 -22.43
N VAL A 168 9.26 7.62 -21.84
CA VAL A 168 9.96 6.51 -22.50
C VAL A 168 10.12 5.33 -21.52
N LEU A 169 9.75 4.12 -21.93
CA LEU A 169 10.00 2.94 -21.16
C LEU A 169 11.04 2.09 -21.87
N VAL A 170 12.07 1.64 -21.15
CA VAL A 170 13.14 0.81 -21.71
C VAL A 170 13.42 -0.42 -20.85
N ASN A 171 13.80 -1.49 -21.50
CA ASN A 171 14.39 -2.65 -20.83
C ASN A 171 15.72 -2.90 -21.55
N ALA A 172 16.80 -3.11 -20.77
CA ALA A 172 18.08 -3.42 -21.34
C ALA A 172 18.37 -4.83 -20.83
N LEU A 173 18.73 -5.72 -21.75
CA LEU A 173 18.98 -7.10 -21.46
C LEU A 173 20.31 -7.44 -22.02
N TYR A 174 21.16 -8.09 -21.20
CA TYR A 174 22.51 -8.45 -21.64
C TYR A 174 22.74 -9.91 -21.30
N PHE A 175 23.35 -10.64 -22.23
CA PHE A 175 23.68 -12.01 -22.02
C PHE A 175 25.09 -12.30 -22.54
N ASN A 176 25.90 -12.94 -21.68
CA ASN A 176 27.27 -13.34 -22.07
C ASN A 176 27.55 -14.76 -21.58
N GLY A 177 27.59 -15.69 -22.53
CA GLY A 177 27.76 -17.08 -22.22
C GLY A 177 28.94 -17.75 -22.90
N GLN A 178 29.55 -18.72 -22.22
CA GLN A 178 30.62 -19.51 -22.78
C GLN A 178 30.09 -20.88 -23.12
N TRP A 179 30.32 -21.38 -24.33
CA TRP A 179 29.89 -22.76 -24.61
C TRP A 179 30.45 -23.76 -23.55
N LYS A 180 29.73 -24.83 -23.24
CA LYS A 180 30.20 -25.90 -22.37
C LYS A 180 31.46 -26.53 -22.96
N THR A 181 31.42 -26.74 -24.28
CA THR A 181 32.54 -27.19 -25.05
C THR A 181 32.68 -26.16 -26.18
N PRO A 182 33.84 -25.48 -26.21
CA PRO A 182 34.12 -24.55 -27.29
C PRO A 182 34.31 -25.29 -28.59
N PHE A 183 34.02 -24.61 -29.70
CA PHE A 183 34.26 -25.14 -31.04
C PHE A 183 35.76 -25.06 -31.28
N PRO A 184 36.38 -26.10 -31.83
CA PRO A 184 37.84 -26.03 -31.96
C PRO A 184 38.29 -25.16 -33.12
N ASP A 185 39.15 -24.21 -32.79
CA ASP A 185 39.69 -23.24 -33.75
C ASP A 185 40.10 -23.82 -35.10
N SER A 186 40.55 -25.07 -35.10
CA SER A 186 41.08 -25.70 -36.28
C SER A 186 39.98 -26.14 -37.25
N SER A 187 38.74 -26.23 -36.78
CA SER A 187 37.68 -26.68 -37.68
C SER A 187 36.84 -25.49 -38.18
N THR A 188 37.24 -24.29 -37.79
CA THR A 188 36.64 -23.09 -38.37
C THR A 188 37.17 -22.91 -39.81
N HIS A 189 36.25 -22.69 -40.74
CA HIS A 189 36.54 -22.65 -42.17
C HIS A 189 35.54 -21.74 -42.88
N ARG A 190 35.89 -21.21 -44.04
CA ARG A 190 34.87 -20.52 -44.84
C ARG A 190 34.03 -21.52 -45.61
N ARG A 191 32.76 -21.20 -45.80
CA ARG A 191 31.91 -22.09 -46.56
C ARG A 191 31.14 -21.19 -47.51
N LEU A 192 30.66 -21.74 -48.61
CA LEU A 192 29.88 -20.94 -49.55
C LEU A 192 28.36 -20.99 -49.26
N PHE A 193 27.69 -19.85 -49.45
CA PHE A 193 26.24 -19.76 -49.36
C PHE A 193 25.70 -19.29 -50.73
N HIS A 194 24.73 -20.01 -51.29
CA HIS A 194 24.20 -19.72 -52.61
C HIS A 194 22.93 -18.88 -52.55
N LYS A 195 23.08 -17.60 -52.89
CA LYS A 195 21.98 -16.67 -52.89
C LYS A 195 20.98 -16.99 -53.98
N SER A 196 19.82 -16.36 -53.89
CA SER A 196 18.76 -16.62 -54.84
C SER A 196 19.12 -16.06 -56.24
N ASP A 197 19.89 -14.97 -56.28
CA ASP A 197 20.24 -14.31 -57.56
C ASP A 197 21.35 -15.03 -58.29
N GLY A 198 21.60 -16.26 -57.87
CA GLY A 198 22.61 -17.08 -58.51
C GLY A 198 24.05 -16.77 -58.10
N SER A 199 24.24 -15.88 -57.14
CA SER A 199 25.58 -15.53 -56.67
C SER A 199 25.96 -16.23 -55.37
N THR A 200 27.17 -15.96 -54.87
CA THR A 200 27.66 -16.69 -53.71
C THR A 200 28.44 -15.79 -52.76
N VAL A 201 28.51 -16.18 -51.50
CA VAL A 201 29.23 -15.43 -50.48
C VAL A 201 30.01 -16.43 -49.63
N SER A 202 31.18 -16.05 -49.13
CA SER A 202 32.01 -16.89 -48.30
C SER A 202 31.68 -16.53 -46.84
N VAL A 203 31.17 -17.50 -46.10
CA VAL A 203 30.74 -17.32 -44.73
C VAL A 203 31.63 -18.17 -43.81
N PRO A 204 32.21 -17.56 -42.74
CA PRO A 204 32.94 -18.36 -41.76
C PRO A 204 32.04 -19.35 -40.98
N MET A 205 32.52 -20.59 -40.84
CA MET A 205 31.74 -21.69 -40.30
C MET A 205 32.51 -22.35 -39.17
N MET A 206 31.78 -22.69 -38.11
CA MET A 206 32.33 -23.47 -37.01
C MET A 206 31.81 -24.91 -37.02
N ALA A 207 32.43 -25.78 -36.24
CA ALA A 207 32.02 -27.18 -36.19
C ALA A 207 32.53 -27.84 -34.92
N GLN A 208 31.73 -28.75 -34.35
CA GLN A 208 32.20 -29.60 -33.28
C GLN A 208 31.31 -30.84 -33.23
N THR A 209 31.95 -31.98 -32.94
CA THR A 209 31.30 -33.27 -32.75
C THR A 209 31.21 -33.51 -31.25
N ASN A 210 30.04 -33.93 -30.78
CA ASN A 210 29.87 -34.12 -29.34
C ASN A 210 28.56 -34.85 -29.10
N LYS A 211 28.30 -35.19 -27.83
CA LYS A 211 27.05 -35.84 -27.50
C LYS A 211 26.13 -34.68 -27.24
N PHE A 212 25.11 -34.53 -28.07
CA PHE A 212 24.26 -33.38 -27.98
C PHE A 212 22.83 -33.89 -27.73
N ASN A 213 22.09 -33.19 -26.88
CA ASN A 213 20.67 -33.46 -26.80
C ASN A 213 20.09 -33.14 -28.17
N TYR A 214 19.39 -34.11 -28.76
CA TYR A 214 18.97 -34.02 -30.15
C TYR A 214 17.56 -34.56 -30.26
N THR A 215 16.71 -33.92 -31.04
CA THR A 215 15.46 -34.55 -31.43
C THR A 215 15.06 -34.19 -32.85
N GLU A 216 14.31 -35.07 -33.49
CA GLU A 216 13.79 -34.88 -34.82
C GLU A 216 12.44 -34.22 -34.61
N PHE A 217 11.89 -33.51 -35.60
CA PHE A 217 10.61 -32.84 -35.43
C PHE A 217 9.96 -32.62 -36.76
N THR A 218 8.67 -32.94 -36.83
CA THR A 218 7.82 -32.92 -38.02
C THR A 218 6.61 -32.10 -37.68
N THR A 219 6.18 -31.28 -38.63
CA THR A 219 5.11 -30.32 -38.46
C THR A 219 3.81 -30.90 -39.00
N PRO A 220 2.68 -30.21 -38.75
CA PRO A 220 1.41 -30.82 -39.14
C PRO A 220 1.35 -31.16 -40.62
N ASP A 221 1.96 -30.35 -41.47
CA ASP A 221 2.00 -30.62 -42.93
C ASP A 221 3.11 -31.59 -43.36
N GLY A 222 3.91 -32.08 -42.44
CA GLY A 222 4.84 -33.17 -42.73
C GLY A 222 6.32 -32.82 -42.90
N HIS A 223 6.68 -31.58 -42.60
CA HIS A 223 8.05 -31.11 -42.87
C HIS A 223 9.01 -31.38 -41.70
N TYR A 224 10.22 -31.81 -42.04
CA TYR A 224 11.21 -32.27 -41.06
C TYR A 224 12.27 -31.23 -40.70
N TYR A 225 12.73 -31.29 -39.44
CA TYR A 225 13.68 -30.36 -38.87
C TYR A 225 14.55 -31.11 -37.88
N ASP A 226 15.85 -30.79 -37.85
CA ASP A 226 16.75 -31.26 -36.79
C ASP A 226 16.65 -30.25 -35.63
N ILE A 227 16.45 -30.72 -34.40
CA ILE A 227 16.58 -29.80 -33.29
C ILE A 227 17.71 -30.24 -32.36
N LEU A 228 18.72 -29.40 -32.21
CA LEU A 228 19.88 -29.73 -31.46
C LEU A 228 19.98 -28.71 -30.32
N GLU A 229 20.51 -29.14 -29.17
CA GLU A 229 20.69 -28.24 -28.06
C GLU A 229 22.15 -27.99 -27.81
N LEU A 230 22.55 -26.73 -27.79
CA LEU A 230 23.95 -26.41 -27.58
C LEU A 230 24.07 -25.71 -26.24
N PRO A 231 24.78 -26.34 -25.28
CA PRO A 231 24.77 -25.80 -23.89
C PRO A 231 25.84 -24.81 -23.53
N TYR A 232 25.50 -23.89 -22.61
CA TYR A 232 26.50 -23.01 -22.06
C TYR A 232 27.06 -23.68 -20.76
N HIS A 233 28.24 -23.25 -20.33
CA HIS A 233 29.06 -23.94 -19.34
C HIS A 233 28.48 -23.96 -17.91
N GLY A 234 27.53 -23.06 -17.62
CA GLY A 234 26.85 -23.03 -16.30
C GLY A 234 25.81 -24.11 -16.13
N ASP A 235 25.50 -24.83 -17.20
CA ASP A 235 24.52 -25.90 -17.13
C ASP A 235 23.09 -25.46 -16.92
N THR A 236 22.82 -24.15 -16.93
CA THR A 236 21.42 -23.65 -16.82
C THR A 236 20.87 -23.04 -18.14
N LEU A 237 21.80 -22.62 -19.02
CA LEU A 237 21.46 -22.02 -20.31
C LEU A 237 21.94 -22.82 -21.55
N SER A 238 21.12 -22.84 -22.59
CA SER A 238 21.51 -23.50 -23.83
C SER A 238 20.93 -22.76 -25.03
N MET A 239 21.48 -23.04 -26.20
CA MET A 239 20.95 -22.53 -27.46
C MET A 239 20.38 -23.71 -28.18
N PHE A 240 19.06 -23.66 -28.43
CA PHE A 240 18.40 -24.66 -29.25
C PHE A 240 18.50 -24.18 -30.72
N ILE A 241 18.87 -25.09 -31.61
CA ILE A 241 19.01 -24.82 -33.00
C ILE A 241 18.04 -25.72 -33.80
N ALA A 242 17.18 -25.11 -34.60
CA ALA A 242 16.29 -25.86 -35.52
C ALA A 242 16.70 -25.62 -36.96
N ALA A 243 17.03 -26.70 -37.69
CA ALA A 243 17.45 -26.64 -39.12
C ALA A 243 16.65 -27.61 -40.03
N PRO A 244 16.11 -27.13 -41.18
CA PRO A 244 15.28 -27.97 -42.08
C PRO A 244 16.08 -28.99 -42.87
N TYR A 245 15.42 -30.07 -43.31
CA TYR A 245 16.07 -31.20 -43.97
C TYR A 245 16.15 -30.90 -45.45
N GLU A 246 15.17 -30.15 -45.95
CA GLU A 246 14.96 -29.93 -47.38
C GLU A 246 15.08 -28.48 -47.81
N LYS A 247 15.64 -28.19 -48.97
CA LYS A 247 15.80 -26.79 -49.37
C LYS A 247 14.48 -26.25 -49.90
N GLU A 248 13.50 -27.11 -50.09
CA GLU A 248 12.25 -26.63 -50.65
C GLU A 248 11.20 -26.25 -49.55
N VAL A 249 11.54 -26.49 -48.28
CA VAL A 249 10.67 -26.12 -47.14
C VAL A 249 11.04 -24.77 -46.50
N PRO A 250 10.16 -23.76 -46.59
CA PRO A 250 10.50 -22.43 -46.08
C PRO A 250 10.41 -22.38 -44.55
N LEU A 251 11.17 -21.52 -43.90
CA LEU A 251 11.33 -21.59 -42.48
C LEU A 251 10.01 -21.22 -41.77
N SER A 252 9.18 -20.47 -42.49
CA SER A 252 7.85 -20.12 -42.02
C SER A 252 6.99 -21.33 -41.61
N ALA A 253 7.31 -22.50 -42.14
CA ALA A 253 6.53 -23.68 -41.75
C ALA A 253 6.84 -24.03 -40.29
N LEU A 254 7.99 -23.61 -39.84
CA LEU A 254 8.36 -23.88 -38.48
C LEU A 254 7.95 -22.69 -37.60
N THR A 255 8.31 -21.49 -38.02
CA THR A 255 8.03 -20.32 -37.21
C THR A 255 6.52 -20.00 -37.09
N ASN A 256 5.69 -20.40 -38.05
CA ASN A 256 4.25 -20.15 -37.95
C ASN A 256 3.50 -20.97 -36.88
N ILE A 257 4.17 -22.02 -36.37
CA ILE A 257 3.57 -22.87 -35.37
C ILE A 257 4.40 -22.85 -34.10
N LEU A 258 5.44 -22.03 -34.10
CA LEU A 258 6.38 -21.92 -32.99
C LEU A 258 5.73 -21.37 -31.71
N SER A 259 6.08 -21.94 -30.57
CA SER A 259 5.51 -21.47 -29.31
C SER A 259 6.53 -21.76 -28.27
N ALA A 260 6.30 -21.20 -27.07
CA ALA A 260 7.12 -21.46 -25.91
C ALA A 260 6.96 -22.90 -25.45
N GLN A 261 5.75 -23.45 -25.55
CA GLN A 261 5.49 -24.84 -25.14
C GLN A 261 6.15 -25.83 -26.09
N LEU A 262 6.18 -25.43 -27.36
CA LEU A 262 6.84 -26.24 -28.36
C LEU A 262 8.31 -26.44 -28.00
N ILE A 263 8.99 -25.36 -27.63
CA ILE A 263 10.42 -25.42 -27.22
C ILE A 263 10.58 -26.21 -25.94
N SER A 264 9.66 -25.96 -25.01
CA SER A 264 9.60 -26.80 -23.80
C SER A 264 9.40 -28.28 -24.16
N HIS A 265 8.49 -28.57 -25.10
CA HIS A 265 8.31 -29.97 -25.56
C HIS A 265 9.60 -30.55 -26.16
N TRP A 266 10.33 -29.76 -26.97
CA TRP A 266 11.58 -30.23 -27.56
C TRP A 266 12.57 -30.62 -26.48
N LYS A 267 12.79 -29.71 -25.55
CA LYS A 267 13.73 -29.87 -24.42
C LYS A 267 13.33 -31.04 -23.53
N GLY A 268 12.01 -31.25 -23.46
CA GLY A 268 11.43 -32.33 -22.68
C GLY A 268 11.59 -33.67 -23.39
N ASN A 269 11.64 -33.68 -24.73
CA ASN A 269 11.59 -34.97 -25.45
C ASN A 269 12.84 -35.29 -26.30
N MET A 270 13.97 -34.83 -25.78
CA MET A 270 15.26 -34.95 -26.43
C MET A 270 16.09 -36.02 -25.77
N THR A 271 16.97 -36.60 -26.58
CA THR A 271 17.88 -37.62 -26.14
C THR A 271 19.29 -37.25 -26.59
N ARG A 272 20.24 -37.60 -25.74
CA ARG A 272 21.65 -37.32 -25.95
C ARG A 272 22.17 -38.25 -27.03
N LEU A 273 22.74 -37.70 -28.11
CA LEU A 273 23.15 -38.51 -29.25
C LEU A 273 24.44 -37.93 -29.85
N PRO A 274 25.28 -38.78 -30.45
CA PRO A 274 26.49 -38.19 -31.03
C PRO A 274 26.18 -37.50 -32.35
N ARG A 275 26.56 -36.23 -32.45
CA ARG A 275 26.23 -35.48 -33.65
C ARG A 275 27.37 -34.52 -33.94
N LEU A 276 27.58 -34.29 -35.23
CA LEU A 276 28.45 -33.22 -35.65
C LEU A 276 27.58 -31.99 -35.92
N LEU A 277 28.02 -30.86 -35.34
CA LEU A 277 27.32 -29.59 -35.52
C LEU A 277 28.14 -28.61 -36.36
N VAL A 278 27.53 -28.12 -37.43
CA VAL A 278 28.05 -27.04 -38.23
C VAL A 278 27.21 -25.78 -37.98
N LEU A 279 27.82 -24.77 -37.37
CA LEU A 279 27.17 -23.50 -37.02
C LEU A 279 27.98 -22.28 -37.52
N PRO A 280 27.29 -21.23 -37.97
CA PRO A 280 28.06 -20.12 -38.49
C PRO A 280 28.65 -19.26 -37.39
N LYS A 281 29.77 -18.62 -37.71
CA LYS A 281 30.40 -17.68 -36.82
C LYS A 281 29.85 -16.33 -37.29
N PHE A 282 28.78 -15.85 -36.63
CA PHE A 282 28.07 -14.67 -37.09
C PHE A 282 27.89 -13.58 -36.02
N SER A 283 27.67 -12.37 -36.54
CA SER A 283 27.33 -11.21 -35.78
C SER A 283 26.14 -10.61 -36.51
N LEU A 284 25.04 -10.43 -35.80
CA LEU A 284 23.84 -9.88 -36.40
C LEU A 284 23.33 -8.72 -35.53
N GLU A 285 23.02 -7.60 -36.17
CA GLU A 285 22.47 -6.43 -35.52
C GLU A 285 21.21 -6.02 -36.24
N THR A 286 20.05 -6.04 -35.55
CA THR A 286 18.78 -5.63 -36.16
C THR A 286 17.89 -4.80 -35.23
N GLU A 287 16.95 -4.07 -35.81
CA GLU A 287 16.07 -3.18 -35.08
C GLU A 287 14.69 -3.36 -35.71
N VAL A 288 13.71 -3.74 -34.92
CA VAL A 288 12.41 -4.05 -35.47
C VAL A 288 11.39 -3.13 -34.83
N ASP A 289 10.40 -2.75 -35.63
CA ASP A 289 9.25 -1.98 -35.14
C ASP A 289 8.29 -2.94 -34.49
N LEU A 290 7.73 -2.59 -33.32
CA LEU A 290 6.74 -3.43 -32.65
C LEU A 290 5.29 -2.93 -32.70
N ARG A 291 5.12 -1.67 -33.10
CA ARG A 291 3.81 -0.98 -33.15
C ARG A 291 2.82 -1.85 -33.86
N LYS A 292 3.11 -2.13 -35.15
CA LYS A 292 2.28 -3.03 -35.97
C LYS A 292 2.12 -4.43 -35.35
N PRO A 293 3.23 -5.11 -35.05
CA PRO A 293 3.09 -6.40 -34.34
C PRO A 293 2.22 -6.32 -33.06
N LEU A 294 2.33 -5.26 -32.25
CA LEU A 294 1.46 -5.16 -31.04
C LEU A 294 0.01 -4.80 -31.42
N GLU A 295 -0.13 -3.96 -32.46
CA GLU A 295 -1.47 -3.67 -32.98
C GLU A 295 -2.16 -4.94 -33.44
N ASN A 296 -1.44 -5.78 -34.20
CA ASN A 296 -1.99 -7.07 -34.69
C ASN A 296 -2.44 -7.99 -33.55
N LEU A 297 -1.86 -7.82 -32.36
CA LEU A 297 -2.20 -8.69 -31.23
C LEU A 297 -3.26 -8.05 -30.30
N GLY A 298 -3.83 -6.93 -30.74
CA GLY A 298 -4.97 -6.33 -30.04
C GLY A 298 -4.65 -5.03 -29.28
N MET A 299 -3.39 -4.69 -29.16
CA MET A 299 -3.02 -3.51 -28.42
C MET A 299 -2.95 -2.28 -29.32
N THR A 300 -4.11 -1.72 -29.63
CA THR A 300 -4.22 -0.55 -30.51
C THR A 300 -4.47 0.78 -29.77
N ASP A 301 -5.18 0.71 -28.65
CA ASP A 301 -5.54 1.93 -27.91
C ASP A 301 -4.34 2.77 -27.50
N MET A 302 -3.23 2.12 -27.15
CA MET A 302 -2.06 2.84 -26.59
C MET A 302 -1.36 3.74 -27.63
N PHE A 303 -1.56 3.40 -28.91
CA PHE A 303 -1.00 4.17 -30.01
C PHE A 303 -1.95 5.28 -30.54
N ARG A 304 -3.16 5.36 -30.00
CA ARG A 304 -4.17 6.28 -30.53
C ARG A 304 -4.45 7.51 -29.67
N GLN A 305 -4.22 8.67 -30.28
CA GLN A 305 -4.24 9.96 -29.62
C GLN A 305 -5.33 10.25 -28.59
N PHE A 306 -6.57 9.91 -28.90
CA PHE A 306 -7.64 10.21 -27.94
C PHE A 306 -8.27 8.99 -27.30
N GLN A 307 -7.82 7.79 -27.69
CA GLN A 307 -8.31 6.59 -27.02
C GLN A 307 -7.36 6.09 -25.92
N ALA A 308 -6.07 6.44 -26.04
CA ALA A 308 -5.02 5.96 -25.14
C ALA A 308 -5.27 6.35 -23.68
N ASP A 309 -5.10 5.39 -22.77
CA ASP A 309 -5.38 5.61 -21.36
C ASP A 309 -4.18 5.24 -20.47
N PHE A 310 -3.43 6.26 -20.09
CA PHE A 310 -2.29 6.13 -19.18
C PHE A 310 -2.59 6.67 -17.75
N THR A 311 -3.83 6.51 -17.29
CA THR A 311 -4.28 7.15 -16.06
C THR A 311 -3.76 6.49 -14.80
N SER A 312 -3.24 5.27 -14.90
CA SER A 312 -2.60 4.65 -13.75
C SER A 312 -1.24 5.28 -13.46
N LEU A 313 -0.71 6.06 -14.41
CA LEU A 313 0.56 6.79 -14.21
C LEU A 313 0.31 8.29 -13.94
N SER A 314 -0.48 8.94 -14.80
CA SER A 314 -0.80 10.36 -14.62
C SER A 314 -2.10 10.77 -15.31
N ASP A 315 -3.06 11.31 -14.56
CA ASP A 315 -4.22 11.92 -15.22
C ASP A 315 -4.02 13.43 -15.47
N GLN A 316 -2.86 13.94 -15.06
CA GLN A 316 -2.48 15.33 -15.28
C GLN A 316 -2.54 15.80 -16.76
N GLU A 317 -2.12 14.94 -17.70
CA GLU A 317 -2.15 15.33 -19.11
C GLU A 317 -2.21 14.08 -19.99
N PRO A 318 -2.70 14.23 -21.23
CA PRO A 318 -2.92 13.04 -22.06
C PRO A 318 -1.61 12.54 -22.69
N LEU A 319 -1.51 11.23 -22.87
CA LEU A 319 -0.31 10.64 -23.44
C LEU A 319 -0.74 9.52 -24.35
N HIS A 320 0.01 9.29 -25.45
CA HIS A 320 -0.17 8.09 -26.31
C HIS A 320 1.16 7.71 -26.97
N VAL A 321 1.30 6.45 -27.36
CA VAL A 321 2.56 5.90 -27.89
C VAL A 321 2.73 6.18 -29.37
N ALA A 322 3.89 6.68 -29.75
CA ALA A 322 4.23 6.87 -31.15
C ALA A 322 5.08 5.71 -31.68
N GLN A 323 6.01 5.22 -30.86
CA GLN A 323 7.01 4.21 -31.25
C GLN A 323 7.05 3.11 -30.21
N ALA A 324 7.20 1.89 -30.72
CA ALA A 324 7.57 0.74 -29.91
C ALA A 324 8.61 0.06 -30.77
N LEU A 325 9.80 -0.16 -30.23
CA LEU A 325 10.85 -0.83 -31.01
C LEU A 325 11.78 -1.71 -30.18
N GLN A 326 12.68 -2.41 -30.88
CA GLN A 326 13.67 -3.30 -30.26
C GLN A 326 14.90 -3.40 -31.12
N LYS A 327 16.03 -3.00 -30.54
CA LYS A 327 17.32 -3.05 -31.19
C LYS A 327 18.06 -4.18 -30.47
N VAL A 328 18.67 -5.08 -31.24
CA VAL A 328 19.27 -6.28 -30.71
C VAL A 328 20.62 -6.58 -31.41
N LYS A 329 21.59 -7.08 -30.67
CA LYS A 329 22.85 -7.43 -31.23
C LYS A 329 23.26 -8.78 -30.64
N ILE A 330 23.67 -9.69 -31.51
CA ILE A 330 24.31 -10.93 -31.11
C ILE A 330 25.61 -11.17 -31.85
N GLU A 331 26.53 -11.85 -31.15
CA GLU A 331 27.85 -12.24 -31.64
C GLU A 331 28.05 -13.67 -31.09
N VAL A 332 28.23 -14.59 -32.03
CA VAL A 332 28.52 -15.97 -31.82
C VAL A 332 29.90 -16.33 -32.42
N ASN A 333 30.81 -16.83 -31.58
CA ASN A 333 32.14 -17.27 -31.98
C ASN A 333 32.45 -18.66 -31.40
N GLU A 334 33.73 -19.01 -31.29
CA GLU A 334 34.16 -20.32 -30.84
C GLU A 334 34.04 -20.49 -29.37
N SER A 335 34.33 -19.44 -28.59
CA SER A 335 34.24 -19.50 -27.14
C SER A 335 32.83 -19.25 -26.58
N GLY A 336 31.96 -18.59 -27.34
CA GLY A 336 30.62 -18.39 -26.88
C GLY A 336 29.72 -17.44 -27.65
N THR A 337 28.75 -16.89 -26.92
CA THR A 337 27.77 -15.97 -27.40
C THR A 337 27.77 -14.74 -26.52
N VAL A 338 27.71 -13.57 -27.15
CA VAL A 338 27.39 -12.31 -26.49
C VAL A 338 26.15 -11.75 -27.20
N ALA A 339 25.12 -11.44 -26.44
CA ALA A 339 23.90 -10.88 -26.98
C ALA A 339 23.39 -9.76 -26.08
N SER A 340 22.71 -8.79 -26.69
CA SER A 340 21.98 -7.75 -25.94
C SER A 340 20.78 -7.22 -26.72
N SER A 341 19.82 -6.68 -25.99
CA SER A 341 18.63 -6.12 -26.58
C SER A 341 18.17 -4.89 -25.80
N SER A 342 17.55 -3.95 -26.51
CA SER A 342 17.04 -2.76 -25.86
C SER A 342 15.68 -2.51 -26.44
N THR A 343 14.65 -2.69 -25.60
CA THR A 343 13.25 -2.52 -25.95
C THR A 343 12.76 -1.20 -25.35
N ALA A 344 12.13 -0.39 -26.21
CA ALA A 344 11.73 0.98 -25.93
C ALA A 344 10.33 1.29 -26.50
N VAL A 345 9.50 1.97 -25.71
CA VAL A 345 8.21 2.54 -26.10
C VAL A 345 8.35 4.03 -25.83
N ILE A 346 8.14 4.82 -26.87
CA ILE A 346 8.35 6.26 -26.87
C ILE A 346 7.10 7.07 -27.23
N VAL A 347 6.78 8.04 -26.38
CA VAL A 347 5.79 9.05 -26.72
C VAL A 347 6.39 10.11 -27.65
N SER A 348 5.68 10.42 -28.75
CA SER A 348 6.06 11.50 -29.68
C SER A 348 7.24 11.12 -30.57
N ALA A 349 7.69 12.07 -31.40
CA ALA A 349 8.74 11.80 -32.41
C ALA A 349 8.38 10.65 -33.32
N ARG A 350 9.38 10.11 -34.02
CA ARG A 350 9.15 8.99 -34.93
C ARG A 350 10.31 8.02 -35.15
N MET A 351 9.94 6.84 -35.64
CA MET A 351 10.91 5.79 -35.97
C MET A 351 11.24 5.76 -37.45
N ALA A 352 12.53 5.86 -37.77
CA ALA A 352 13.05 5.69 -39.10
C ALA A 352 12.53 4.39 -39.70
N PRO A 353 12.50 4.31 -41.05
CA PRO A 353 11.90 3.08 -41.62
C PRO A 353 12.78 1.88 -41.29
N GLU A 354 12.19 0.69 -41.27
CA GLU A 354 12.95 -0.54 -40.95
C GLU A 354 13.86 -0.99 -42.08
N GLU A 355 15.08 -1.39 -41.73
CA GLU A 355 15.99 -1.99 -42.68
C GLU A 355 15.85 -3.50 -42.51
N ILE A 356 15.54 -4.20 -43.61
CA ILE A 356 15.34 -5.65 -43.54
C ILE A 356 16.26 -6.44 -44.48
N ILE A 357 16.90 -7.45 -43.93
CA ILE A 357 17.75 -8.34 -44.67
C ILE A 357 17.07 -9.68 -44.73
N MET A 358 17.17 -10.33 -45.88
CA MET A 358 16.48 -11.58 -46.16
C MET A 358 17.40 -12.58 -46.84
N ASP A 359 17.38 -13.82 -46.34
CA ASP A 359 18.23 -14.90 -46.81
C ASP A 359 17.83 -16.18 -46.08
N ARG A 360 17.58 -17.23 -46.85
CA ARG A 360 17.15 -18.51 -46.25
C ARG A 360 17.77 -18.76 -44.86
N PRO A 361 16.94 -18.82 -43.78
CA PRO A 361 17.60 -18.90 -42.49
C PRO A 361 17.33 -20.24 -41.75
N PHE A 362 17.98 -20.39 -40.61
CA PHE A 362 17.68 -21.45 -39.63
C PHE A 362 17.23 -20.71 -38.35
N LEU A 363 16.74 -21.44 -37.35
CA LEU A 363 16.27 -20.78 -36.12
C LEU A 363 17.15 -21.08 -34.92
N PHE A 364 17.38 -20.06 -34.08
CA PHE A 364 18.07 -20.31 -32.82
C PHE A 364 17.20 -19.75 -31.64
N VAL A 365 17.37 -20.33 -30.46
CA VAL A 365 16.65 -19.88 -29.25
C VAL A 365 17.65 -19.94 -28.11
N VAL A 366 17.82 -18.83 -27.43
CA VAL A 366 18.58 -18.84 -26.19
C VAL A 366 17.59 -18.91 -25.00
N ARG A 367 17.73 -19.95 -24.19
CA ARG A 367 16.72 -20.26 -23.15
C ARG A 367 17.36 -20.61 -21.82
N HIS A 368 16.91 -19.90 -20.79
CA HIS A 368 17.26 -20.24 -19.43
C HIS A 368 16.37 -21.37 -18.94
N ASN A 369 16.95 -22.55 -18.78
CA ASN A 369 16.14 -23.76 -18.65
C ASN A 369 15.42 -23.98 -17.30
N PRO A 370 16.09 -23.63 -16.17
CA PRO A 370 15.42 -23.94 -14.90
C PRO A 370 14.06 -23.26 -14.82
N THR A 371 13.97 -22.07 -15.41
CA THR A 371 12.78 -21.21 -15.32
C THR A 371 11.95 -21.27 -16.58
N GLY A 372 12.56 -21.65 -17.70
CA GLY A 372 11.83 -21.65 -18.98
C GLY A 372 11.78 -20.27 -19.66
N THR A 373 12.67 -19.38 -19.26
CA THR A 373 12.71 -18.03 -19.80
C THR A 373 13.44 -18.04 -21.14
N VAL A 374 12.76 -17.55 -22.18
CA VAL A 374 13.35 -17.42 -23.51
C VAL A 374 13.95 -16.03 -23.67
N LEU A 375 15.28 -15.95 -23.69
CA LEU A 375 15.90 -14.65 -23.64
C LEU A 375 16.09 -13.99 -25.03
N PHE A 376 16.60 -14.76 -25.98
CA PHE A 376 16.83 -14.30 -27.34
C PHE A 376 16.40 -15.42 -28.27
N MET A 377 15.95 -15.04 -29.46
CA MET A 377 15.68 -15.96 -30.54
C MET A 377 15.89 -15.19 -31.84
N GLY A 378 16.21 -15.91 -32.89
CA GLY A 378 16.49 -15.27 -34.16
C GLY A 378 16.58 -16.21 -35.33
N GLN A 379 16.46 -15.62 -36.53
CA GLN A 379 16.52 -16.30 -37.84
C GLN A 379 17.79 -15.79 -38.49
N VAL A 380 18.73 -16.69 -38.73
CA VAL A 380 20.04 -16.39 -39.27
C VAL A 380 20.33 -17.24 -40.50
N MET A 381 21.19 -16.72 -41.37
CA MET A 381 21.58 -17.37 -42.64
C MET A 381 22.03 -18.84 -42.49
N GLU A 382 21.36 -19.76 -43.17
CA GLU A 382 21.69 -21.19 -43.16
C GLU A 382 23.03 -21.51 -43.81
N PRO A 383 23.81 -22.40 -43.18
CA PRO A 383 24.98 -22.82 -43.94
C PRO A 383 24.65 -23.50 -45.30
N GLY B 1 44.25 -6.37 14.61
CA GLY B 1 43.54 -5.31 15.37
C GLY B 1 44.02 -3.89 15.08
N SER B 2 44.17 -3.10 16.15
CA SER B 2 44.60 -1.67 16.20
C SER B 2 43.49 -0.74 16.68
N HIS B 3 43.65 -0.24 17.91
CA HIS B 3 42.65 0.52 18.65
C HIS B 3 42.37 1.95 18.17
N MET B 4 43.22 2.49 17.30
CA MET B 4 43.07 3.89 16.91
C MET B 4 42.53 4.11 15.51
N VAL B 5 42.71 3.11 14.64
CA VAL B 5 42.25 3.19 13.26
C VAL B 5 41.21 2.09 12.90
N HIS B 6 40.11 2.49 12.26
CA HIS B 6 38.99 1.61 11.91
C HIS B 6 38.32 2.02 10.59
N HIS B 7 38.05 1.02 9.75
CA HIS B 7 37.19 1.18 8.57
C HIS B 7 35.77 1.19 9.11
N PRO B 8 35.08 2.34 9.02
CA PRO B 8 33.79 2.35 9.65
C PRO B 8 32.87 1.18 9.26
N PRO B 9 32.77 0.85 7.95
CA PRO B 9 31.84 -0.23 7.64
C PRO B 9 32.22 -1.53 8.26
N SER B 10 33.51 -1.78 8.30
CA SER B 10 34.04 -3.02 8.83
C SER B 10 33.79 -3.11 10.35
N TYR B 11 33.36 -2.02 10.96
CA TYR B 11 33.28 -1.83 12.41
C TYR B 11 31.86 -1.44 12.82
N VAL B 12 30.85 -1.65 11.95
CA VAL B 12 29.49 -1.18 12.30
C VAL B 12 28.81 -1.78 13.51
N ALA B 13 29.00 -3.07 13.74
CA ALA B 13 28.33 -3.77 14.84
C ALA B 13 28.79 -3.12 16.14
N HIS B 14 30.10 -2.92 16.27
CA HIS B 14 30.68 -2.33 17.46
C HIS B 14 30.22 -0.89 17.61
N LEU B 15 30.31 -0.11 16.52
CA LEU B 15 29.79 1.26 16.56
C LEU B 15 28.30 1.34 16.93
N ALA B 16 27.51 0.40 16.41
CA ALA B 16 26.08 0.35 16.69
C ALA B 16 25.82 -0.03 18.15
N SER B 17 26.58 -1.01 18.62
CA SER B 17 26.48 -1.45 19.97
C SER B 17 26.84 -0.31 20.97
N ASP B 18 27.99 0.30 20.75
CA ASP B 18 28.50 1.42 21.52
C ASP B 18 27.44 2.52 21.68
N PHE B 19 26.81 2.93 20.57
CA PHE B 19 25.71 3.92 20.61
C PHE B 19 24.56 3.46 21.46
N GLY B 20 24.24 2.17 21.38
CA GLY B 20 23.11 1.63 22.10
C GLY B 20 23.36 1.50 23.61
N VAL B 21 24.61 1.19 23.99
CA VAL B 21 25.02 1.22 25.37
C VAL B 21 24.93 2.61 26.01
N ARG B 22 25.32 3.64 25.25
CA ARG B 22 25.29 5.02 25.71
C ARG B 22 23.83 5.43 25.96
N VAL B 23 22.92 4.87 25.17
CA VAL B 23 21.50 5.12 25.41
C VAL B 23 21.08 4.49 26.73
N PHE B 24 21.33 3.19 26.88
CA PHE B 24 21.14 2.50 28.17
C PHE B 24 21.66 3.29 29.37
N GLN B 25 22.92 3.71 29.32
CA GLN B 25 23.46 4.59 30.34
C GLN B 25 22.49 5.69 30.71
N GLN B 26 21.97 6.40 29.72
CA GLN B 26 21.01 7.50 30.00
C GLN B 26 19.76 6.94 30.67
N VAL B 27 19.32 5.78 30.22
CA VAL B 27 18.17 5.14 30.82
C VAL B 27 18.49 4.82 32.29
N ALA B 28 19.65 4.23 32.53
CA ALA B 28 20.10 3.84 33.87
C ALA B 28 20.43 4.99 34.82
N GLN B 29 20.94 6.10 34.30
CA GLN B 29 21.30 7.24 35.12
C GLN B 29 20.10 8.07 35.57
N ALA B 30 18.95 7.88 34.93
CA ALA B 30 17.73 8.58 35.34
C ALA B 30 17.27 8.19 36.74
N SER B 31 17.31 6.89 37.07
CA SER B 31 16.87 6.40 38.40
C SER B 31 17.82 5.37 38.97
N LYS B 32 18.07 5.45 40.27
CA LYS B 32 19.03 4.58 40.99
C LYS B 32 18.53 3.15 41.16
N ASP B 33 19.38 2.18 40.83
CA ASP B 33 19.12 0.74 41.03
C ASP B 33 17.89 0.27 40.24
N ARG B 34 17.71 0.90 39.09
CA ARG B 34 16.59 0.63 38.22
C ARG B 34 16.66 -0.78 37.68
N ASN B 35 15.58 -1.53 37.86
CA ASN B 35 15.45 -2.86 37.26
C ASN B 35 14.90 -2.70 35.85
N VAL B 36 15.74 -2.95 34.85
CA VAL B 36 15.40 -2.63 33.47
C VAL B 36 16.05 -3.63 32.52
N VAL B 37 15.37 -3.98 31.43
CA VAL B 37 15.98 -4.78 30.36
C VAL B 37 16.01 -3.86 29.14
N PHE B 38 17.08 -3.90 28.37
CA PHE B 38 17.24 -2.96 27.25
C PHE B 38 17.77 -3.70 26.02
N SER B 39 17.65 -3.06 24.85
CA SER B 39 18.25 -3.62 23.63
C SER B 39 19.03 -2.54 22.89
N PRO B 40 20.37 -2.62 22.98
CA PRO B 40 21.22 -1.67 22.27
C PRO B 40 21.10 -1.77 20.74
N TYR B 41 21.01 -2.99 20.20
CA TYR B 41 20.89 -3.18 18.77
C TYR B 41 19.55 -2.63 18.32
N GLY B 42 18.49 -2.91 19.08
CA GLY B 42 17.17 -2.37 18.80
C GLY B 42 17.09 -0.90 18.52
N VAL B 43 17.51 -0.10 19.52
CA VAL B 43 17.54 1.36 19.40
C VAL B 43 18.48 1.80 18.24
N ALA B 44 19.61 1.11 18.06
CA ALA B 44 20.55 1.48 17.03
C ALA B 44 19.86 1.31 15.66
N SER B 45 19.15 0.19 15.48
CA SER B 45 18.47 -0.11 14.22
C SER B 45 17.45 0.93 13.81
N VAL B 46 16.69 1.44 14.78
CA VAL B 46 15.68 2.40 14.50
C VAL B 46 16.29 3.78 14.18
N LEU B 47 17.22 4.22 15.03
CA LEU B 47 17.90 5.46 14.76
C LEU B 47 18.68 5.45 13.41
N ALA B 48 19.08 4.28 12.93
CA ALA B 48 19.73 4.17 11.62
C ALA B 48 18.73 4.33 10.46
N MET B 49 17.48 3.91 10.68
CA MET B 49 16.40 4.16 9.72
C MET B 49 16.05 5.64 9.74
N LEU B 50 16.15 6.21 10.93
CA LEU B 50 15.87 7.62 11.13
C LEU B 50 16.84 8.53 10.34
N GLN B 51 18.01 8.00 9.99
CA GLN B 51 18.99 8.72 9.17
C GLN B 51 18.55 8.74 7.70
N LEU B 52 17.76 7.75 7.30
CA LEU B 52 17.27 7.73 5.93
C LEU B 52 16.08 8.68 5.75
N THR B 53 15.35 8.89 6.83
CA THR B 53 14.13 9.71 6.77
C THR B 53 14.39 11.18 7.08
N THR B 54 15.36 11.47 7.96
CA THR B 54 15.61 12.89 8.34
C THR B 54 16.60 13.59 7.43
N GLY B 55 16.63 14.91 7.51
CA GLY B 55 17.50 15.74 6.70
C GLY B 55 18.09 16.90 7.47
N GLY B 56 18.89 17.72 6.79
CA GLY B 56 19.55 18.86 7.42
C GLY B 56 20.19 18.54 8.76
N GLU B 57 19.81 19.34 9.76
CA GLU B 57 20.47 19.31 11.04
C GLU B 57 19.90 18.22 11.93
N THR B 58 18.65 17.85 11.69
CA THR B 58 18.03 16.75 12.43
C THR B 58 18.88 15.50 12.16
N GLN B 59 19.19 15.27 10.88
CA GLN B 59 20.00 14.12 10.43
C GLN B 59 21.37 14.18 11.03
N GLN B 60 21.89 15.41 11.11
CA GLN B 60 23.27 15.62 11.52
C GLN B 60 23.43 15.17 12.98
N GLN B 61 22.48 15.58 13.82
CA GLN B 61 22.46 15.22 15.23
C GLN B 61 22.36 13.71 15.44
N ILE B 62 21.57 13.03 14.61
CA ILE B 62 21.47 11.59 14.69
C ILE B 62 22.80 10.95 14.31
N GLN B 63 23.48 11.49 13.29
CA GLN B 63 24.79 10.96 12.85
C GLN B 63 25.94 11.31 13.78
N ALA B 64 25.82 12.47 14.41
CA ALA B 64 26.85 12.98 15.30
C ALA B 64 26.96 12.06 16.50
N ALA B 65 25.78 11.63 16.96
CA ALA B 65 25.64 10.88 18.20
C ALA B 65 25.75 9.37 17.97
N MET B 66 25.45 8.91 16.75
CA MET B 66 25.56 7.49 16.43
C MET B 66 26.99 7.13 16.15
N GLY B 67 27.78 8.13 15.75
CA GLY B 67 29.20 7.92 15.52
C GLY B 67 29.50 7.40 14.12
N PHE B 68 28.47 7.33 13.29
CA PHE B 68 28.64 6.86 11.91
C PHE B 68 27.48 7.26 10.98
N LYS B 69 27.77 7.29 9.68
CA LYS B 69 26.77 7.64 8.68
C LYS B 69 26.36 6.36 7.96
N ILE B 70 25.06 6.12 7.86
CA ILE B 70 24.65 4.86 7.24
C ILE B 70 24.84 4.89 5.71
N ASP B 71 24.73 6.10 5.13
CA ASP B 71 24.80 6.29 3.68
C ASP B 71 26.19 6.05 3.08
N ASP B 72 27.20 5.89 3.94
CA ASP B 72 28.59 5.72 3.52
C ASP B 72 28.86 4.57 2.54
N LYS B 73 29.96 4.71 1.79
CA LYS B 73 30.40 3.68 0.87
C LYS B 73 30.78 2.46 1.66
N GLY B 74 30.21 1.31 1.30
CA GLY B 74 30.61 0.07 1.94
C GLY B 74 29.68 -0.37 3.05
N MET B 75 28.77 0.50 3.45
CA MET B 75 27.83 0.18 4.55
C MET B 75 26.86 -0.95 4.17
N ALA B 76 26.28 -0.82 2.98
CA ALA B 76 25.32 -1.80 2.44
C ALA B 76 25.83 -3.23 2.43
N PRO B 77 27.00 -3.50 1.85
CA PRO B 77 27.44 -4.91 1.94
C PRO B 77 27.87 -5.38 3.36
N ALA B 78 28.13 -4.44 4.28
CA ALA B 78 28.41 -4.73 5.73
C ALA B 78 27.13 -4.98 6.51
N LEU B 79 26.07 -4.27 6.13
CA LEU B 79 24.78 -4.44 6.80
C LEU B 79 24.22 -5.80 6.38
N ARG B 80 24.36 -6.12 5.10
CA ARG B 80 24.01 -7.45 4.63
C ARG B 80 24.75 -8.52 5.45
N HIS B 81 26.07 -8.38 5.53
CA HIS B 81 26.88 -9.39 6.21
C HIS B 81 26.46 -9.52 7.70
N LEU B 82 26.29 -8.38 8.36
CA LEU B 82 25.91 -8.40 9.75
C LEU B 82 24.56 -9.12 9.94
N TYR B 83 23.58 -8.77 9.11
CA TYR B 83 22.26 -9.38 9.17
C TYR B 83 22.43 -10.88 9.01
N LYS B 84 23.21 -11.27 8.01
CA LYS B 84 23.41 -12.71 7.76
C LYS B 84 24.11 -13.43 8.93
N GLU B 85 25.23 -12.89 9.42
CA GLU B 85 25.95 -13.54 10.54
C GLU B 85 25.03 -13.75 11.76
N LEU B 86 24.13 -12.81 11.99
CA LEU B 86 23.14 -12.91 13.08
C LEU B 86 22.01 -13.92 12.83
N MET B 87 21.46 -13.88 11.61
CA MET B 87 20.32 -14.73 11.22
C MET B 87 20.70 -16.19 10.98
N GLY B 88 21.95 -16.39 10.58
CA GLY B 88 22.51 -17.67 10.21
C GLY B 88 22.25 -18.83 11.16
N PRO B 89 22.16 -20.03 10.59
CA PRO B 89 21.76 -21.21 11.32
C PRO B 89 22.90 -21.88 12.05
N TRP B 90 24.15 -21.48 11.78
CA TRP B 90 25.27 -22.05 12.52
C TRP B 90 25.31 -21.56 13.99
N ASN B 91 24.53 -20.52 14.28
CA ASN B 91 24.40 -20.02 15.63
C ASN B 91 23.71 -21.04 16.55
N LYS B 92 22.92 -21.95 15.94
CA LYS B 92 22.05 -22.87 16.68
C LYS B 92 20.99 -22.11 17.47
N ASP B 93 21.42 -21.19 18.33
CA ASP B 93 20.53 -20.31 19.06
C ASP B 93 19.81 -19.30 18.16
N GLU B 94 18.54 -19.05 18.42
CA GLU B 94 17.67 -18.34 17.48
C GLU B 94 17.70 -16.83 17.63
N ILE B 95 18.17 -16.10 16.60
CA ILE B 95 17.95 -14.64 16.49
C ILE B 95 17.05 -14.22 15.30
N SER B 96 16.12 -13.30 15.51
CA SER B 96 15.40 -12.66 14.41
C SER B 96 15.32 -11.14 14.62
N THR B 97 15.64 -10.40 13.57
CA THR B 97 15.54 -8.95 13.64
C THR B 97 14.80 -8.47 12.41
N THR B 98 13.79 -7.64 12.62
CA THR B 98 13.02 -7.18 11.49
C THR B 98 12.78 -5.72 11.74
N ASP B 99 12.83 -4.90 10.69
CA ASP B 99 12.53 -3.47 10.79
C ASP B 99 11.36 -3.14 9.90
N ALA B 100 10.64 -2.07 10.21
CA ALA B 100 9.56 -1.66 9.35
C ALA B 100 9.23 -0.22 9.56
N ILE B 101 8.79 0.42 8.48
CA ILE B 101 8.34 1.80 8.49
C ILE B 101 6.88 1.80 8.10
N PHE B 102 6.06 2.45 8.92
CA PHE B 102 4.63 2.55 8.67
C PHE B 102 4.34 4.00 8.39
N VAL B 103 3.87 4.29 7.19
CA VAL B 103 3.58 5.67 6.84
C VAL B 103 2.22 5.84 6.13
N GLN B 104 1.62 7.01 6.35
CA GLN B 104 0.33 7.38 5.78
C GLN B 104 0.16 7.09 4.27
N ARG B 105 -0.98 6.52 3.90
CA ARG B 105 -1.22 6.16 2.50
C ARG B 105 -0.98 7.34 1.56
N ASP B 106 -1.61 8.48 1.84
CA ASP B 106 -1.66 9.59 0.89
C ASP B 106 -0.44 10.49 0.98
N LEU B 107 0.53 10.08 1.79
CA LEU B 107 1.65 10.96 2.10
C LEU B 107 2.74 10.88 1.04
N LYS B 108 3.11 12.04 0.51
CA LYS B 108 3.99 12.08 -0.65
C LYS B 108 5.47 11.80 -0.33
N LEU B 109 5.93 10.62 -0.70
CA LEU B 109 7.31 10.20 -0.42
C LEU B 109 8.26 10.75 -1.47
N VAL B 110 9.42 11.21 -1.03
CA VAL B 110 10.37 11.75 -1.95
C VAL B 110 11.01 10.64 -2.81
N GLN B 111 11.22 10.95 -4.09
CA GLN B 111 11.74 9.99 -5.05
C GLN B 111 13.24 9.81 -4.76
N GLY B 112 13.59 8.60 -4.35
CA GLY B 112 14.95 8.31 -3.89
C GLY B 112 14.94 7.52 -2.58
N PHE B 113 13.97 7.80 -1.71
CA PHE B 113 13.88 7.12 -0.40
C PHE B 113 13.71 5.59 -0.46
N MET B 114 12.72 5.13 -1.22
CA MET B 114 12.49 3.71 -1.44
C MET B 114 13.75 2.86 -1.78
N PRO B 115 14.57 3.30 -2.74
CA PRO B 115 15.75 2.41 -2.98
C PRO B 115 16.76 2.51 -1.86
N HIS B 116 16.72 3.62 -1.12
CA HIS B 116 17.60 3.79 0.03
C HIS B 116 17.21 2.83 1.16
N PHE B 117 15.95 2.87 1.56
CA PHE B 117 15.44 1.97 2.58
C PHE B 117 15.64 0.50 2.21
N PHE B 118 15.51 0.17 0.92
CA PHE B 118 15.57 -1.21 0.53
C PHE B 118 17.00 -1.67 0.40
N ARG B 119 17.87 -0.76 -0.05
CA ARG B 119 19.32 -1.09 -0.12
C ARG B 119 19.97 -1.43 1.24
N LEU B 120 19.59 -0.72 2.29
CA LEU B 120 20.23 -0.88 3.62
C LEU B 120 19.42 -1.79 4.56
N PHE B 121 18.09 -1.71 4.49
CA PHE B 121 17.19 -2.51 5.35
C PHE B 121 16.37 -3.61 4.64
N ARG B 122 16.60 -3.83 3.34
CA ARG B 122 15.97 -4.88 2.56
C ARG B 122 14.46 -4.91 2.79
N SER B 123 13.91 -3.75 3.06
CA SER B 123 12.57 -3.66 3.54
C SER B 123 11.85 -2.61 2.72
N THR B 124 10.52 -2.72 2.66
CA THR B 124 9.70 -1.81 1.90
C THR B 124 8.70 -1.16 2.83
N VAL B 125 8.36 0.07 2.50
CA VAL B 125 7.54 0.94 3.31
C VAL B 125 6.13 0.38 3.36
N LYS B 126 5.50 0.47 4.52
CA LYS B 126 4.15 -0.06 4.64
C LYS B 126 3.16 1.10 4.69
N GLN B 127 2.23 1.08 3.74
CA GLN B 127 1.26 2.15 3.60
C GLN B 127 0.12 1.79 4.52
N VAL B 128 -0.33 2.75 5.33
CA VAL B 128 -1.53 2.56 6.11
C VAL B 128 -2.32 3.84 6.33
N ASP B 129 -3.59 3.66 6.71
CA ASP B 129 -4.51 4.77 6.97
C ASP B 129 -4.53 5.02 8.48
N PHE B 130 -3.99 6.15 8.93
CA PHE B 130 -4.01 6.47 10.38
C PHE B 130 -5.24 7.26 10.79
N SER B 131 -6.23 7.34 9.91
CA SER B 131 -7.52 7.95 10.26
C SER B 131 -8.36 6.89 10.99
N GLU B 132 -8.29 5.66 10.47
CA GLU B 132 -8.78 4.48 11.17
C GLU B 132 -7.75 4.07 12.24
N VAL B 133 -7.77 4.76 13.37
CA VAL B 133 -6.84 4.52 14.46
C VAL B 133 -6.77 3.06 14.95
N GLU B 134 -7.87 2.52 15.46
CA GLU B 134 -7.82 1.20 16.06
C GLU B 134 -7.51 0.13 15.02
N ARG B 135 -7.72 0.46 13.75
CA ARG B 135 -7.30 -0.43 12.66
C ARG B 135 -5.77 -0.40 12.45
N ALA B 136 -5.19 0.80 12.53
CA ALA B 136 -3.75 0.98 12.37
C ALA B 136 -2.97 0.43 13.59
N ARG B 137 -3.45 0.76 14.78
CA ARG B 137 -2.86 0.26 16.01
C ARG B 137 -2.75 -1.25 15.95
N PHE B 138 -3.81 -1.90 15.49
CA PHE B 138 -3.85 -3.35 15.47
C PHE B 138 -2.94 -3.91 14.38
N ILE B 139 -2.79 -3.15 13.30
CA ILE B 139 -1.89 -3.54 12.20
C ILE B 139 -0.43 -3.66 12.70
N ILE B 140 0.02 -2.66 13.47
CA ILE B 140 1.41 -2.55 14.01
C ILE B 140 1.67 -3.56 15.14
N ASN B 141 0.77 -3.63 16.11
CA ASN B 141 0.83 -4.66 17.15
C ASN B 141 0.85 -6.03 16.51
N ASP B 142 0.05 -6.19 15.47
CA ASP B 142 -0.01 -7.45 14.74
C ASP B 142 1.36 -7.72 14.13
N TRP B 143 2.00 -6.66 13.63
CA TRP B 143 3.31 -6.80 12.97
C TRP B 143 4.35 -7.18 14.04
N VAL B 144 4.28 -6.47 15.17
CA VAL B 144 5.18 -6.63 16.31
C VAL B 144 5.02 -7.97 16.99
N LYS B 145 3.76 -8.43 17.10
CA LYS B 145 3.50 -9.75 17.65
C LYS B 145 4.14 -10.83 16.78
N THR B 146 3.99 -10.72 15.46
CA THR B 146 4.55 -11.75 14.60
C THR B 146 6.07 -11.89 14.75
N HIS B 147 6.75 -10.76 14.62
CA HIS B 147 8.22 -10.75 14.56
C HIS B 147 8.88 -10.81 15.92
N THR B 148 8.07 -10.94 16.97
CA THR B 148 8.54 -11.30 18.30
C THR B 148 8.00 -12.64 18.78
N LYS B 149 7.67 -13.53 17.83
CA LYS B 149 7.15 -14.89 18.10
C LYS B 149 6.04 -14.97 19.17
N GLY B 150 5.17 -13.98 19.16
CA GLY B 150 4.07 -13.89 20.11
C GLY B 150 4.42 -13.22 21.42
N MET B 151 5.65 -12.73 21.56
CA MET B 151 6.14 -12.25 22.87
C MET B 151 5.72 -10.84 23.25
N ILE B 152 5.79 -9.92 22.29
CA ILE B 152 5.20 -8.61 22.51
C ILE B 152 3.96 -8.50 21.62
N SER B 153 2.77 -8.55 22.25
CA SER B 153 1.53 -8.64 21.47
C SER B 153 0.77 -7.32 21.45
N ASN B 154 1.02 -6.47 22.45
CA ASN B 154 0.30 -5.21 22.55
C ASN B 154 1.21 -4.02 22.78
N LEU B 155 2.17 -3.84 21.90
CA LEU B 155 3.07 -2.69 22.01
C LEU B 155 2.33 -1.33 22.16
N LEU B 156 1.35 -1.07 21.30
CA LEU B 156 0.62 0.21 21.33
C LEU B 156 -0.77 0.14 21.98
N GLY B 157 -0.97 0.93 23.03
CA GLY B 157 -2.28 1.06 23.68
C GLY B 157 -3.00 2.35 23.33
N LYS B 158 -4.32 2.41 23.58
CA LYS B 158 -5.13 3.59 23.25
C LYS B 158 -4.46 4.88 23.74
N GLY B 159 -4.28 5.82 22.82
CA GLY B 159 -3.75 7.15 23.15
C GLY B 159 -2.30 7.34 22.76
N ALA B 160 -1.72 6.30 22.15
CA ALA B 160 -0.33 6.34 21.71
C ALA B 160 -0.30 6.83 20.26
N VAL B 161 -1.21 6.29 19.45
CA VAL B 161 -1.40 6.76 18.10
C VAL B 161 -2.77 7.45 17.96
N ASP B 162 -2.79 8.64 17.36
CA ASP B 162 -4.05 9.35 17.07
C ASP B 162 -4.22 9.64 15.57
N GLN B 163 -5.36 10.21 15.20
CA GLN B 163 -5.67 10.45 13.78
C GLN B 163 -4.56 11.22 13.06
N LEU B 164 -3.80 12.03 13.79
CA LEU B 164 -2.68 12.82 13.20
C LEU B 164 -1.32 12.11 12.99
N THR B 165 -1.22 10.85 13.41
CA THR B 165 0.01 10.09 13.27
C THR B 165 0.22 9.74 11.78
N ARG B 166 1.40 10.05 11.27
CA ARG B 166 1.70 9.91 9.85
C ARG B 166 2.84 8.92 9.63
N LEU B 167 3.67 8.73 10.67
CA LEU B 167 4.86 7.88 10.59
C LEU B 167 5.12 7.11 11.89
N VAL B 168 5.41 5.83 11.75
CA VAL B 168 5.85 5.02 12.89
C VAL B 168 6.99 4.11 12.43
N LEU B 169 8.10 4.16 13.17
CA LEU B 169 9.23 3.29 12.90
C LEU B 169 9.41 2.26 14.04
N VAL B 170 9.49 0.99 13.66
CA VAL B 170 9.61 -0.09 14.60
C VAL B 170 10.75 -1.01 14.23
N ASN B 171 11.35 -1.65 15.22
CA ASN B 171 12.28 -2.77 15.04
C ASN B 171 11.80 -3.93 15.91
N ALA B 172 11.96 -5.15 15.41
CA ALA B 172 11.47 -6.31 16.11
C ALA B 172 12.63 -7.26 16.38
N LEU B 173 13.06 -7.33 17.63
CA LEU B 173 14.21 -8.18 17.95
C LEU B 173 13.77 -9.38 18.83
N TYR B 174 14.15 -10.58 18.44
CA TYR B 174 13.78 -11.74 19.25
C TYR B 174 14.95 -12.68 19.35
N PHE B 175 15.18 -13.18 20.57
CA PHE B 175 16.26 -14.14 20.83
C PHE B 175 15.76 -15.27 21.70
N ASN B 176 16.18 -16.45 21.30
CA ASN B 176 15.82 -17.63 21.97
C ASN B 176 17.02 -18.56 21.95
N GLY B 177 17.73 -18.58 23.07
CA GLY B 177 18.91 -19.41 23.18
C GLY B 177 18.80 -20.38 24.33
N GLN B 178 19.53 -21.49 24.23
CA GLN B 178 19.57 -22.51 25.25
C GLN B 178 20.93 -22.47 25.91
N TRP B 179 20.97 -22.61 27.24
CA TRP B 179 22.24 -22.64 27.94
C TRP B 179 23.03 -23.81 27.45
N LYS B 180 24.31 -23.59 27.18
CA LYS B 180 25.22 -24.66 26.79
C LYS B 180 25.30 -25.78 27.85
N THR B 181 25.17 -25.39 29.13
CA THR B 181 25.07 -26.32 30.25
C THR B 181 23.94 -25.80 31.11
N PRO B 182 22.83 -26.56 31.19
CA PRO B 182 21.66 -26.11 31.93
C PRO B 182 21.85 -26.08 33.43
N PHE B 183 21.09 -25.23 34.13
CA PHE B 183 21.07 -25.27 35.57
C PHE B 183 20.25 -26.50 35.99
N PRO B 184 20.82 -27.34 36.86
CA PRO B 184 20.11 -28.53 37.34
C PRO B 184 18.86 -28.20 38.15
N ASP B 185 17.75 -28.84 37.80
CA ASP B 185 16.48 -28.59 38.49
C ASP B 185 16.59 -28.71 40.00
N SER B 186 17.33 -29.72 40.46
CA SER B 186 17.48 -29.97 41.90
C SER B 186 18.17 -28.81 42.62
N SER B 187 19.01 -28.05 41.93
CA SER B 187 19.73 -26.96 42.58
C SER B 187 18.90 -25.67 42.66
N THR B 188 17.72 -25.67 42.02
CA THR B 188 16.84 -24.51 42.09
C THR B 188 16.19 -24.37 43.46
N HIS B 189 16.20 -23.17 44.02
CA HIS B 189 15.73 -22.94 45.39
C HIS B 189 15.20 -21.54 45.53
N ARG B 190 14.77 -21.19 46.74
CA ARG B 190 14.26 -19.84 46.99
C ARG B 190 15.31 -19.17 47.84
N ARG B 191 15.41 -17.86 47.74
CA ARG B 191 16.39 -17.16 48.52
C ARG B 191 15.83 -15.79 48.90
N LEU B 192 16.16 -15.34 50.09
CA LEU B 192 15.66 -14.09 50.63
C LEU B 192 16.41 -12.91 50.08
N PHE B 193 15.67 -11.89 49.64
CA PHE B 193 16.26 -10.58 49.31
C PHE B 193 15.86 -9.55 50.33
N HIS B 194 16.86 -8.90 50.91
CA HIS B 194 16.65 -7.96 52.02
C HIS B 194 16.53 -6.53 51.51
N LYS B 195 15.29 -6.03 51.43
CA LYS B 195 15.01 -4.76 50.78
C LYS B 195 15.49 -3.56 51.57
N SER B 196 15.40 -2.39 50.97
CA SER B 196 15.89 -1.16 51.60
C SER B 196 15.05 -0.74 52.81
N ASP B 197 13.74 -0.96 52.73
CA ASP B 197 12.82 -0.52 53.81
C ASP B 197 12.93 -1.38 55.07
N GLY B 198 13.38 -2.63 54.90
CA GLY B 198 13.59 -3.52 56.02
C GLY B 198 12.84 -4.80 55.78
N SER B 199 12.07 -4.85 54.71
CA SER B 199 11.21 -5.99 54.44
C SER B 199 12.00 -7.01 53.60
N THR B 200 11.49 -8.22 53.54
CA THR B 200 12.21 -9.30 52.94
C THR B 200 11.32 -9.99 51.91
N VAL B 201 11.91 -10.72 50.95
CA VAL B 201 11.14 -11.35 49.89
C VAL B 201 11.81 -12.64 49.35
N SER B 202 11.01 -13.62 48.94
CA SER B 202 11.53 -14.89 48.43
C SER B 202 11.59 -14.91 46.92
N VAL B 203 12.79 -15.11 46.39
CA VAL B 203 13.05 -15.05 44.97
C VAL B 203 13.59 -16.39 44.50
N PRO B 204 13.01 -17.00 43.45
CA PRO B 204 13.53 -18.24 42.91
C PRO B 204 15.00 -18.13 42.46
N MET B 205 15.86 -19.00 42.98
CA MET B 205 17.26 -18.96 42.61
C MET B 205 17.71 -20.22 41.91
N MET B 206 18.66 -20.08 40.99
CA MET B 206 19.25 -21.22 40.27
C MET B 206 20.74 -21.27 40.59
N ALA B 207 21.36 -22.42 40.36
CA ALA B 207 22.75 -22.57 40.73
C ALA B 207 23.43 -23.65 39.86
N GLN B 208 24.65 -23.38 39.41
CA GLN B 208 25.43 -24.39 38.75
C GLN B 208 26.94 -24.24 38.98
N THR B 209 27.59 -25.39 38.93
CA THR B 209 29.04 -25.44 39.02
C THR B 209 29.60 -25.91 37.69
N ASN B 210 30.64 -25.22 37.24
CA ASN B 210 31.30 -25.55 35.99
C ASN B 210 32.53 -24.67 35.83
N LYS B 211 33.30 -24.93 34.78
CA LYS B 211 34.42 -24.07 34.39
C LYS B 211 33.83 -22.92 33.56
N PHE B 212 33.93 -21.69 34.05
CA PHE B 212 33.41 -20.56 33.30
C PHE B 212 34.53 -19.61 32.89
N ASN B 213 34.35 -18.94 31.76
CA ASN B 213 35.19 -17.77 31.48
C ASN B 213 34.94 -16.69 32.49
N TYR B 214 36.01 -16.25 33.13
CA TYR B 214 35.91 -15.39 34.30
C TYR B 214 36.99 -14.31 34.26
N THR B 215 36.70 -13.14 34.80
CA THR B 215 37.74 -12.16 35.08
C THR B 215 37.35 -11.21 36.18
N GLU B 216 38.36 -10.76 36.91
CA GLU B 216 38.20 -9.79 37.95
C GLU B 216 38.33 -8.40 37.38
N PHE B 217 37.33 -7.55 37.57
CA PHE B 217 37.42 -6.18 37.11
C PHE B 217 37.44 -5.18 38.29
N THR B 218 38.12 -4.05 38.10
CA THR B 218 38.26 -3.01 39.08
C THR B 218 38.04 -1.72 38.35
N THR B 219 37.26 -0.81 38.92
CA THR B 219 36.91 0.47 38.32
C THR B 219 37.98 1.49 38.71
N PRO B 220 37.90 2.72 38.20
CA PRO B 220 39.03 3.61 38.43
C PRO B 220 39.06 4.10 39.86
N ASP B 221 37.90 4.10 40.50
CA ASP B 221 37.88 4.52 41.88
C ASP B 221 38.04 3.37 42.87
N GLY B 222 38.34 2.17 42.36
CA GLY B 222 38.73 1.08 43.24
C GLY B 222 37.65 0.09 43.66
N HIS B 223 36.64 -0.09 42.81
CA HIS B 223 35.56 -1.00 43.14
C HIS B 223 35.61 -2.28 42.32
N TYR B 224 35.61 -3.41 43.00
CA TYR B 224 35.79 -4.69 42.36
C TYR B 224 34.47 -5.33 41.94
N TYR B 225 34.49 -6.01 40.79
CA TYR B 225 33.34 -6.74 40.31
C TYR B 225 33.84 -8.07 39.82
N ASP B 226 33.00 -9.09 39.96
CA ASP B 226 33.21 -10.38 39.33
C ASP B 226 32.50 -10.29 37.99
N ILE B 227 33.20 -10.64 36.91
CA ILE B 227 32.64 -10.71 35.58
C ILE B 227 32.71 -12.16 35.12
N LEU B 228 31.57 -12.74 34.83
CA LEU B 228 31.53 -14.12 34.42
C LEU B 228 30.76 -14.16 33.09
N GLU B 229 31.11 -15.08 32.20
CA GLU B 229 30.40 -15.24 30.91
C GLU B 229 29.70 -16.58 30.82
N LEU B 230 28.37 -16.55 30.68
CA LEU B 230 27.57 -17.76 30.61
C LEU B 230 27.11 -18.04 29.16
N PRO B 231 27.64 -19.11 28.54
CA PRO B 231 27.37 -19.36 27.11
C PRO B 231 26.14 -20.18 26.79
N TYR B 232 25.54 -19.83 25.66
CA TYR B 232 24.44 -20.55 25.02
C TYR B 232 25.07 -21.65 24.13
N HIS B 233 24.30 -22.65 23.76
CA HIS B 233 24.87 -23.89 23.18
C HIS B 233 25.46 -23.79 21.78
N GLY B 234 25.21 -22.70 21.07
CA GLY B 234 25.75 -22.55 19.72
C GLY B 234 27.19 -22.04 19.65
N ASP B 235 27.70 -21.62 20.80
CA ASP B 235 29.08 -21.17 20.94
C ASP B 235 29.37 -19.85 20.23
N THR B 236 28.33 -19.09 19.86
CA THR B 236 28.50 -17.75 19.27
C THR B 236 27.89 -16.70 20.14
N LEU B 237 26.90 -17.10 20.95
CA LEU B 237 26.28 -16.18 21.91
C LEU B 237 26.63 -16.51 23.38
N SER B 238 26.46 -15.53 24.26
CA SER B 238 26.70 -15.70 25.67
C SER B 238 26.07 -14.54 26.46
N MET B 239 25.82 -14.73 27.76
CA MET B 239 25.43 -13.64 28.66
C MET B 239 26.59 -13.34 29.61
N PHE B 240 26.98 -12.08 29.69
CA PHE B 240 28.01 -11.62 30.62
C PHE B 240 27.30 -11.14 31.87
N ILE B 241 27.79 -11.60 33.02
CA ILE B 241 27.29 -11.18 34.31
C ILE B 241 28.36 -10.43 35.11
N ALA B 242 28.03 -9.20 35.52
CA ALA B 242 28.90 -8.43 36.39
C ALA B 242 28.20 -8.24 37.78
N ALA B 243 28.87 -8.68 38.83
CA ALA B 243 28.34 -8.62 40.19
C ALA B 243 29.33 -7.94 41.15
N PRO B 244 28.84 -7.06 42.05
CA PRO B 244 29.76 -6.34 42.99
C PRO B 244 30.25 -7.19 44.18
N TYR B 245 31.48 -6.90 44.62
CA TYR B 245 32.08 -7.51 45.80
C TYR B 245 31.48 -6.98 47.12
N GLU B 246 31.27 -5.67 47.19
CA GLU B 246 30.91 -4.98 48.43
C GLU B 246 29.48 -4.44 48.43
N LYS B 247 28.76 -4.61 49.54
CA LYS B 247 27.35 -4.25 49.57
C LYS B 247 27.11 -2.74 49.48
N GLU B 248 28.07 -1.96 49.96
CA GLU B 248 27.89 -0.51 49.99
C GLU B 248 28.14 0.12 48.62
N VAL B 249 28.89 -0.57 47.77
CA VAL B 249 29.21 -0.09 46.42
C VAL B 249 28.01 -0.19 45.47
N PRO B 250 27.55 0.95 44.92
CA PRO B 250 26.40 0.93 44.02
C PRO B 250 26.71 0.55 42.53
N LEU B 251 25.71 0.02 41.83
CA LEU B 251 25.91 -0.45 40.46
C LEU B 251 26.33 0.69 39.54
N SER B 252 26.02 1.92 39.93
CA SER B 252 26.26 3.04 39.06
C SER B 252 27.75 3.21 38.83
N ALA B 253 28.52 2.64 39.74
CA ALA B 253 29.95 2.74 39.71
C ALA B 253 30.48 1.99 38.50
N LEU B 254 29.73 0.97 38.08
CA LEU B 254 30.08 0.15 36.95
C LEU B 254 29.41 0.78 35.70
N THR B 255 28.11 1.07 35.81
CA THR B 255 27.38 1.61 34.65
C THR B 255 27.82 3.00 34.20
N ASN B 256 28.32 3.86 35.09
CA ASN B 256 28.83 5.15 34.62
C ASN B 256 30.12 5.08 33.75
N ILE B 257 30.70 3.89 33.61
CA ILE B 257 31.89 3.69 32.80
C ILE B 257 31.70 2.51 31.83
N LEU B 258 30.46 2.02 31.73
CA LEU B 258 30.15 0.93 30.82
C LEU B 258 30.16 1.39 29.38
N SER B 259 30.80 0.63 28.49
CA SER B 259 30.79 0.95 27.08
C SER B 259 30.92 -0.35 26.28
N ALA B 260 30.72 -0.31 24.97
CA ALA B 260 30.83 -1.56 24.23
C ALA B 260 32.27 -2.09 24.21
N GLN B 261 33.27 -1.19 24.20
CA GLN B 261 34.71 -1.60 24.29
C GLN B 261 35.11 -2.24 25.61
N LEU B 262 34.53 -1.78 26.72
CA LEU B 262 34.77 -2.47 28.00
C LEU B 262 34.34 -3.95 27.95
N ILE B 263 33.18 -4.22 27.36
CA ILE B 263 32.65 -5.60 27.23
C ILE B 263 33.58 -6.49 26.39
N SER B 264 33.96 -5.99 25.22
CA SER B 264 34.95 -6.66 24.36
C SER B 264 36.27 -6.90 25.11
N HIS B 265 36.71 -5.90 25.87
CA HIS B 265 37.88 -6.06 26.72
C HIS B 265 37.75 -7.18 27.74
N TRP B 266 36.61 -7.23 28.44
CA TRP B 266 36.36 -8.31 29.41
C TRP B 266 36.48 -9.67 28.77
N LYS B 267 35.78 -9.89 27.66
CA LYS B 267 35.86 -11.16 26.93
C LYS B 267 37.28 -11.50 26.42
N GLY B 268 37.95 -10.49 25.91
CA GLY B 268 39.32 -10.68 25.43
C GLY B 268 40.31 -10.96 26.54
N ASN B 269 39.97 -10.60 27.78
CA ASN B 269 40.83 -10.94 28.93
C ASN B 269 40.27 -11.93 29.95
N MET B 270 39.40 -12.81 29.53
CA MET B 270 38.90 -13.81 30.46
C MET B 270 39.78 -15.02 30.45
N THR B 271 39.66 -15.80 31.53
CA THR B 271 40.31 -17.06 31.76
C THR B 271 39.24 -18.04 32.19
N ARG B 272 39.36 -19.28 31.76
CA ARG B 272 38.37 -20.30 32.08
C ARG B 272 38.67 -20.98 33.45
N LEU B 273 37.89 -20.66 34.48
CA LEU B 273 38.14 -21.17 35.85
C LEU B 273 36.91 -21.85 36.47
N PRO B 274 37.12 -22.89 37.31
CA PRO B 274 35.91 -23.51 37.89
C PRO B 274 35.24 -22.57 38.87
N ARG B 275 33.91 -22.42 38.77
CA ARG B 275 33.19 -21.53 39.68
C ARG B 275 31.75 -21.99 39.94
N LEU B 276 31.20 -21.52 41.05
CA LEU B 276 29.79 -21.75 41.31
C LEU B 276 29.09 -20.46 40.93
N LEU B 277 28.11 -20.54 40.03
CA LEU B 277 27.34 -19.34 39.68
C LEU B 277 25.91 -19.49 40.17
N VAL B 278 25.48 -18.47 40.91
CA VAL B 278 24.14 -18.37 41.45
C VAL B 278 23.39 -17.29 40.64
N LEU B 279 22.43 -17.74 39.83
CA LEU B 279 21.65 -16.83 38.95
C LEU B 279 20.12 -16.92 39.21
N PRO B 280 19.47 -15.78 39.42
CA PRO B 280 18.01 -15.82 39.62
C PRO B 280 17.27 -16.31 38.42
N LYS B 281 16.19 -17.01 38.70
CA LYS B 281 15.24 -17.44 37.72
C LYS B 281 14.23 -16.33 37.69
N PHE B 282 14.24 -15.53 36.61
CA PHE B 282 13.39 -14.32 36.56
C PHE B 282 12.70 -14.10 35.22
N SER B 283 11.67 -13.24 35.24
CA SER B 283 11.06 -12.69 34.02
C SER B 283 10.90 -11.21 34.33
N LEU B 284 11.09 -10.36 33.33
CA LEU B 284 11.10 -8.94 33.58
C LEU B 284 10.63 -8.22 32.33
N GLU B 285 9.59 -7.38 32.48
CA GLU B 285 9.04 -6.63 31.36
C GLU B 285 9.17 -5.16 31.68
N THR B 286 9.67 -4.37 30.72
CA THR B 286 9.89 -2.95 30.99
C THR B 286 9.59 -2.12 29.74
N GLU B 287 9.24 -0.86 29.95
CA GLU B 287 9.02 0.08 28.86
C GLU B 287 9.63 1.39 29.33
N VAL B 288 10.65 1.84 28.60
CA VAL B 288 11.37 3.05 28.96
C VAL B 288 11.10 4.13 27.87
N ASP B 289 11.14 5.38 28.29
CA ASP B 289 10.96 6.47 27.40
C ASP B 289 12.36 6.81 26.88
N LEU B 290 12.57 6.66 25.58
CA LEU B 290 13.86 7.03 24.95
C LEU B 290 13.95 8.51 24.64
N ARG B 291 12.86 9.27 24.79
CA ARG B 291 12.89 10.66 24.36
C ARG B 291 13.93 11.46 25.09
N LYS B 292 13.88 11.44 26.41
CA LYS B 292 14.82 12.23 27.20
C LYS B 292 16.25 11.77 26.94
N PRO B 293 16.50 10.44 26.98
CA PRO B 293 17.85 9.94 26.75
C PRO B 293 18.45 10.36 25.40
N LEU B 294 17.63 10.30 24.35
CA LEU B 294 18.13 10.68 23.03
C LEU B 294 18.43 12.16 23.00
N GLU B 295 17.69 12.92 23.81
CA GLU B 295 17.87 14.37 23.90
C GLU B 295 19.18 14.74 24.55
N ASN B 296 19.49 14.08 25.65
CA ASN B 296 20.76 14.28 26.38
C ASN B 296 21.90 13.92 25.45
N LEU B 297 21.63 13.01 24.53
CA LEU B 297 22.62 12.55 23.53
C LEU B 297 22.78 13.46 22.31
N GLY B 298 22.00 14.54 22.26
CA GLY B 298 22.18 15.59 21.26
C GLY B 298 21.12 15.63 20.17
N MET B 299 20.24 14.64 20.20
CA MET B 299 19.16 14.54 19.23
C MET B 299 17.93 15.26 19.76
N THR B 300 17.84 16.58 19.51
CA THR B 300 16.71 17.37 19.97
C THR B 300 15.77 17.80 18.83
N ASP B 301 16.36 18.17 17.70
CA ASP B 301 15.62 18.64 16.55
C ASP B 301 14.39 17.79 16.26
N MET B 302 14.58 16.47 16.22
CA MET B 302 13.53 15.57 15.77
C MET B 302 12.24 15.70 16.56
N PHE B 303 12.34 16.12 17.82
CA PHE B 303 11.20 16.21 18.73
C PHE B 303 10.51 17.58 18.74
N ARG B 304 11.12 18.56 18.07
CA ARG B 304 10.58 19.91 18.03
C ARG B 304 9.78 20.17 16.75
N GLN B 305 8.59 20.73 16.90
CA GLN B 305 7.67 20.97 15.79
C GLN B 305 8.24 21.98 14.79
N PHE B 306 8.68 23.12 15.30
CA PHE B 306 9.21 24.14 14.43
C PHE B 306 10.67 23.89 14.03
N GLN B 307 11.19 22.71 14.34
CA GLN B 307 12.61 22.48 14.06
C GLN B 307 12.91 21.21 13.25
N ALA B 308 12.16 20.13 13.45
CA ALA B 308 12.50 18.85 12.84
C ALA B 308 12.47 18.86 11.32
N ASP B 309 13.34 18.07 10.71
CA ASP B 309 13.55 17.97 9.26
C ASP B 309 13.42 16.50 8.79
N PHE B 310 12.35 16.20 8.06
CA PHE B 310 12.13 14.83 7.62
C PHE B 310 12.02 14.76 6.12
N THR B 311 12.64 15.73 5.47
CA THR B 311 12.59 15.88 4.03
C THR B 311 13.15 14.67 3.29
N SER B 312 14.06 13.93 3.91
CA SER B 312 14.66 12.80 3.18
C SER B 312 13.59 11.76 2.95
N LEU B 313 12.47 11.90 3.66
CA LEU B 313 11.35 11.00 3.44
C LEU B 313 10.18 11.72 2.72
N SER B 314 9.91 12.96 3.16
CA SER B 314 8.80 13.74 2.60
C SER B 314 8.94 15.23 2.91
N ASP B 315 8.93 16.08 1.88
CA ASP B 315 8.94 17.54 2.09
C ASP B 315 7.57 18.17 1.92
N GLN B 316 6.65 17.40 1.33
CA GLN B 316 5.26 17.82 1.16
C GLN B 316 4.69 18.44 2.44
N GLU B 317 4.68 17.70 3.55
CA GLU B 317 4.14 18.24 4.81
C GLU B 317 5.13 18.09 5.97
N PRO B 318 5.12 19.05 6.92
CA PRO B 318 6.04 19.05 8.07
C PRO B 318 5.74 17.92 9.06
N LEU B 319 6.81 17.36 9.63
CA LEU B 319 6.75 16.21 10.54
C LEU B 319 7.67 16.36 11.77
N HIS B 320 7.22 15.87 12.92
CA HIS B 320 8.09 15.77 14.08
C HIS B 320 7.74 14.61 15.03
N VAL B 321 8.76 14.04 15.66
CA VAL B 321 8.56 12.89 16.54
C VAL B 321 7.96 13.34 17.87
N ALA B 322 6.96 12.60 18.35
CA ALA B 322 6.36 12.87 19.66
C ALA B 322 6.88 11.87 20.72
N GLN B 323 7.21 10.66 20.28
CA GLN B 323 7.52 9.59 21.20
C GLN B 323 8.65 8.71 20.69
N ALA B 324 9.56 8.38 21.61
CA ALA B 324 10.47 7.27 21.38
C ALA B 324 10.49 6.39 22.62
N LEU B 325 10.19 5.12 22.40
CA LEU B 325 10.13 4.18 23.47
C LEU B 325 10.65 2.85 23.02
N GLN B 326 11.00 2.01 23.98
CA GLN B 326 11.45 0.64 23.72
C GLN B 326 10.80 -0.23 24.77
N LYS B 327 10.09 -1.24 24.31
CA LYS B 327 9.40 -2.16 25.20
C LYS B 327 10.19 -3.46 25.16
N VAL B 328 10.57 -3.96 26.35
CA VAL B 328 11.40 -5.16 26.46
C VAL B 328 10.90 -6.23 27.44
N LYS B 329 11.04 -7.49 27.03
CA LYS B 329 10.63 -8.63 27.84
C LYS B 329 11.72 -9.66 27.92
N ILE B 330 11.88 -10.26 29.07
CA ILE B 330 12.92 -11.28 29.20
C ILE B 330 12.50 -12.39 30.18
N GLU B 331 13.04 -13.59 29.98
CA GLU B 331 12.70 -14.71 30.84
C GLU B 331 13.94 -15.52 30.91
N VAL B 332 14.32 -15.92 32.12
CA VAL B 332 15.51 -16.74 32.30
C VAL B 332 15.19 -17.90 33.20
N ASN B 333 15.42 -19.09 32.67
CA ASN B 333 15.21 -20.30 33.42
C ASN B 333 16.39 -21.27 33.31
N GLU B 334 16.15 -22.53 33.68
CA GLU B 334 17.16 -23.56 33.82
C GLU B 334 17.70 -23.99 32.48
N SER B 335 16.94 -23.73 31.44
CA SER B 335 17.29 -24.24 30.13
C SER B 335 17.84 -23.15 29.22
N GLY B 336 17.52 -21.90 29.51
CA GLY B 336 17.87 -20.83 28.61
C GLY B 336 17.34 -19.44 28.91
N THR B 337 17.36 -18.62 27.86
CA THR B 337 16.84 -17.28 27.94
C THR B 337 15.93 -17.05 26.73
N VAL B 338 14.79 -16.40 26.95
CA VAL B 338 14.00 -15.90 25.85
C VAL B 338 13.81 -14.41 26.05
N ALA B 339 14.13 -13.65 25.01
CA ALA B 339 14.10 -12.22 25.11
C ALA B 339 13.47 -11.57 23.85
N SER B 340 12.79 -10.45 24.08
CA SER B 340 12.17 -9.70 23.00
C SER B 340 12.31 -8.22 23.20
N SER B 341 12.41 -7.49 22.09
CA SER B 341 12.48 -6.03 22.11
C SER B 341 11.65 -5.41 20.97
N SER B 342 10.90 -4.39 21.30
CA SER B 342 10.16 -3.64 20.32
C SER B 342 10.56 -2.20 20.51
N THR B 343 11.33 -1.66 19.56
CA THR B 343 11.74 -0.26 19.65
C THR B 343 10.86 0.53 18.68
N ALA B 344 10.26 1.62 19.16
CA ALA B 344 9.34 2.36 18.29
C ALA B 344 9.49 3.88 18.30
N VAL B 345 9.54 4.47 17.11
CA VAL B 345 9.52 5.94 17.00
C VAL B 345 8.19 6.37 16.33
N ILE B 346 7.42 7.22 17.01
CA ILE B 346 6.06 7.57 16.60
C ILE B 346 5.87 9.07 16.41
N VAL B 347 5.36 9.45 15.24
CA VAL B 347 5.00 10.83 15.01
C VAL B 347 3.61 11.07 15.56
N SER B 348 3.42 12.19 16.27
CA SER B 348 2.12 12.54 16.88
C SER B 348 1.72 11.76 18.16
N ALA B 349 0.67 12.25 18.83
CA ALA B 349 0.08 11.57 20.00
C ALA B 349 0.89 11.76 21.31
N ARG B 350 0.44 11.13 22.41
CA ARG B 350 1.12 11.22 23.72
C ARG B 350 1.63 9.85 24.19
N MET B 351 2.59 9.87 25.11
CA MET B 351 3.19 8.62 25.63
C MET B 351 2.92 8.42 27.13
N ALA B 352 2.37 7.25 27.49
CA ALA B 352 2.09 6.98 28.90
C ALA B 352 3.33 7.14 29.78
N PRO B 353 3.15 7.59 31.03
CA PRO B 353 4.29 7.77 31.93
C PRO B 353 5.01 6.44 32.29
N GLU B 354 6.32 6.55 32.53
CA GLU B 354 7.19 5.43 32.88
C GLU B 354 6.85 4.69 34.19
N GLU B 355 6.75 3.37 34.08
CA GLU B 355 6.62 2.50 35.24
C GLU B 355 8.03 2.04 35.66
N ILE B 356 8.62 2.70 36.67
CA ILE B 356 9.95 2.36 37.16
C ILE B 356 9.92 1.52 38.47
N ILE B 357 10.71 0.45 38.49
CA ILE B 357 11.01 -0.36 39.67
C ILE B 357 12.50 -0.26 40.06
N MET B 358 12.80 -0.20 41.36
CA MET B 358 14.17 -0.06 41.83
C MET B 358 14.52 -1.04 42.97
N ASP B 359 15.71 -1.64 42.91
CA ASP B 359 16.18 -2.62 43.89
C ASP B 359 17.62 -2.99 43.54
N ARG B 360 18.46 -3.21 44.55
CA ARG B 360 19.88 -3.47 44.30
C ARG B 360 20.11 -4.54 43.22
N PRO B 361 20.71 -4.17 42.06
CA PRO B 361 20.83 -5.11 40.98
C PRO B 361 22.26 -5.56 40.63
N PHE B 362 22.33 -6.57 39.75
CA PHE B 362 23.56 -6.93 39.07
C PHE B 362 23.32 -6.60 37.63
N LEU B 363 24.37 -6.60 36.82
CA LEU B 363 24.24 -6.31 35.38
C LEU B 363 24.46 -7.57 34.50
N PHE B 364 23.64 -7.68 33.46
CA PHE B 364 23.74 -8.78 32.51
C PHE B 364 23.83 -8.18 31.11
N VAL B 365 24.41 -8.92 30.16
CA VAL B 365 24.60 -8.43 28.79
C VAL B 365 24.53 -9.67 27.91
N VAL B 366 23.60 -9.67 26.95
CA VAL B 366 23.53 -10.72 25.91
C VAL B 366 24.21 -10.22 24.63
N ARG B 367 25.20 -10.98 24.18
CA ARG B 367 26.10 -10.51 23.15
C ARG B 367 26.42 -11.59 22.12
N HIS B 368 26.43 -11.19 20.84
CA HIS B 368 26.81 -12.06 19.73
C HIS B 368 28.30 -11.90 19.49
N ASN B 369 29.10 -12.88 19.88
CA ASN B 369 30.56 -12.64 19.99
C ASN B 369 31.33 -12.55 18.68
N PRO B 370 30.98 -13.36 17.68
CA PRO B 370 31.85 -13.18 16.49
C PRO B 370 31.71 -11.79 15.87
N THR B 371 30.58 -11.11 16.12
CA THR B 371 30.34 -9.78 15.53
C THR B 371 30.52 -8.63 16.51
N GLY B 372 30.36 -8.90 17.79
CA GLY B 372 30.44 -7.88 18.80
C GLY B 372 29.12 -7.16 18.90
N THR B 373 28.03 -7.85 18.53
CA THR B 373 26.70 -7.25 18.60
C THR B 373 26.07 -7.44 19.99
N VAL B 374 25.77 -6.33 20.64
CA VAL B 374 25.08 -6.35 21.90
C VAL B 374 23.56 -6.35 21.72
N LEU B 375 22.98 -7.53 21.81
CA LEU B 375 21.55 -7.72 21.56
C LEU B 375 20.70 -7.21 22.69
N PHE B 376 21.06 -7.59 23.92
CA PHE B 376 20.27 -7.20 25.10
C PHE B 376 21.23 -6.94 26.25
N MET B 377 20.83 -6.07 27.18
CA MET B 377 21.50 -5.88 28.46
C MET B 377 20.52 -5.37 29.48
N GLY B 378 20.82 -5.56 30.75
CA GLY B 378 19.99 -4.93 31.76
C GLY B 378 20.47 -5.05 33.19
N GLN B 379 19.62 -4.55 34.09
CA GLN B 379 19.85 -4.56 35.52
C GLN B 379 18.69 -5.27 36.22
N VAL B 380 19.04 -6.32 36.95
CA VAL B 380 18.12 -7.21 37.63
C VAL B 380 18.54 -7.27 39.10
N MET B 381 17.55 -7.34 39.99
CA MET B 381 17.73 -7.60 41.43
C MET B 381 18.86 -8.64 41.82
N GLU B 382 19.89 -8.18 42.53
CA GLU B 382 20.97 -9.07 42.99
C GLU B 382 20.43 -10.14 43.95
N PRO B 383 20.90 -11.39 43.81
CA PRO B 383 20.49 -12.32 44.83
C PRO B 383 21.05 -11.93 46.22
N SER C 2 -36.90 21.23 30.36
CA SER C 2 -37.20 21.21 28.88
C SER C 2 -36.03 20.78 28.02
N HIS C 3 -34.81 21.21 28.36
CA HIS C 3 -33.59 20.68 27.72
C HIS C 3 -33.26 19.26 28.15
N MET C 4 -33.86 18.78 29.24
CA MET C 4 -33.40 17.52 29.83
C MET C 4 -34.50 16.47 29.90
N VAL C 5 -35.75 16.91 29.76
CA VAL C 5 -36.88 16.02 29.81
C VAL C 5 -37.78 16.21 28.61
N HIS C 6 -38.02 15.12 27.88
CA HIS C 6 -38.79 15.14 26.64
C HIS C 6 -39.79 13.99 26.57
N HIS C 7 -40.90 14.23 25.91
CA HIS C 7 -41.87 13.18 25.63
C HIS C 7 -41.58 12.63 24.22
N PRO C 8 -41.15 11.34 24.12
CA PRO C 8 -40.61 10.93 22.84
C PRO C 8 -41.52 11.16 21.67
N PRO C 9 -42.82 10.81 21.78
CA PRO C 9 -43.66 11.07 20.61
C PRO C 9 -43.74 12.57 20.21
N SER C 10 -43.73 13.47 21.19
CA SER C 10 -43.85 14.90 20.92
C SER C 10 -42.53 15.45 20.37
N TYR C 11 -41.45 14.69 20.52
CA TYR C 11 -40.08 15.07 20.18
C TYR C 11 -39.60 14.27 18.96
N VAL C 12 -40.50 13.51 18.33
CA VAL C 12 -40.10 12.67 17.21
C VAL C 12 -39.40 13.42 16.09
N ALA C 13 -39.95 14.57 15.68
CA ALA C 13 -39.35 15.28 14.54
C ALA C 13 -37.86 15.58 14.82
N HIS C 14 -37.56 16.00 16.04
CA HIS C 14 -36.22 16.34 16.43
C HIS C 14 -35.31 15.15 16.44
N LEU C 15 -35.80 14.07 17.05
CA LEU C 15 -35.06 12.83 17.24
C LEU C 15 -34.68 12.21 15.91
N ALA C 16 -35.64 12.20 15.00
CA ALA C 16 -35.45 11.62 13.69
C ALA C 16 -34.38 12.43 12.95
N SER C 17 -34.52 13.76 12.99
CA SER C 17 -33.59 14.63 12.28
C SER C 17 -32.20 14.59 12.93
N ASP C 18 -32.15 14.43 14.25
CA ASP C 18 -30.87 14.28 14.92
C ASP C 18 -30.14 13.00 14.41
N PHE C 19 -30.81 11.87 14.52
CA PHE C 19 -30.32 10.64 13.89
C PHE C 19 -29.79 10.85 12.45
N GLY C 20 -30.54 11.56 11.62
CA GLY C 20 -30.18 11.67 10.20
C GLY C 20 -28.99 12.57 9.98
N VAL C 21 -28.72 13.43 10.96
CA VAL C 21 -27.57 14.32 10.91
C VAL C 21 -26.32 13.53 11.23
N ARG C 22 -26.49 12.60 12.17
CA ARG C 22 -25.43 11.66 12.52
C ARG C 22 -25.13 10.69 11.37
N VAL C 23 -26.14 10.35 10.57
CA VAL C 23 -25.89 9.52 9.42
C VAL C 23 -25.10 10.37 8.41
N PHE C 24 -25.47 11.65 8.27
CA PHE C 24 -24.76 12.57 7.39
C PHE C 24 -23.32 12.79 7.84
N GLN C 25 -23.15 12.92 9.14
CA GLN C 25 -21.84 13.15 9.73
C GLN C 25 -20.88 12.09 9.27
N GLN C 26 -21.30 10.82 9.43
CA GLN C 26 -20.52 9.68 8.97
C GLN C 26 -20.14 9.78 7.48
N VAL C 27 -21.13 10.12 6.65
CA VAL C 27 -20.99 10.14 5.20
C VAL C 27 -19.99 11.22 4.82
N ALA C 28 -19.96 12.31 5.60
CA ALA C 28 -19.06 13.42 5.33
C ALA C 28 -17.65 13.10 5.76
N GLN C 29 -17.56 12.56 6.98
CA GLN C 29 -16.29 12.22 7.62
C GLN C 29 -15.43 11.26 6.79
N ALA C 30 -16.06 10.44 5.96
CA ALA C 30 -15.37 9.44 5.19
C ALA C 30 -14.32 10.06 4.27
N SER C 31 -14.64 11.22 3.67
CA SER C 31 -13.71 11.91 2.78
C SER C 31 -13.66 13.44 2.92
N LYS C 32 -12.46 13.96 3.19
CA LYS C 32 -12.20 15.41 3.31
C LYS C 32 -12.90 16.27 2.26
N ASP C 33 -13.46 17.40 2.71
CA ASP C 33 -14.09 18.44 1.85
C ASP C 33 -15.07 17.93 0.77
N ARG C 34 -15.74 16.82 1.06
CA ARG C 34 -16.65 16.19 0.11
C ARG C 34 -17.83 17.07 -0.33
N ASN C 35 -18.08 17.12 -1.63
CA ASN C 35 -19.26 17.82 -2.14
C ASN C 35 -20.39 16.81 -2.32
N VAL C 36 -21.43 16.96 -1.51
CA VAL C 36 -22.52 15.97 -1.40
C VAL C 36 -23.83 16.64 -0.96
N VAL C 37 -24.97 16.05 -1.34
CA VAL C 37 -26.27 16.53 -0.89
C VAL C 37 -26.89 15.36 -0.16
N PHE C 38 -27.56 15.63 0.96
CA PHE C 38 -28.15 14.56 1.80
C PHE C 38 -29.57 14.87 2.29
N SER C 39 -30.23 13.89 2.86
CA SER C 39 -31.56 14.09 3.41
C SER C 39 -31.75 13.40 4.72
N PRO C 40 -31.46 14.11 5.83
CA PRO C 40 -31.59 13.48 7.14
C PRO C 40 -32.99 12.85 7.32
N TYR C 41 -34.04 13.55 6.88
CA TYR C 41 -35.42 13.08 7.00
C TYR C 41 -35.66 11.77 6.21
N GLY C 42 -34.95 11.66 5.09
CA GLY C 42 -35.16 10.57 4.17
C GLY C 42 -34.66 9.29 4.78
N VAL C 43 -33.43 9.32 5.29
CA VAL C 43 -32.86 8.14 5.93
C VAL C 43 -33.59 7.80 7.24
N ALA C 44 -34.07 8.81 7.97
CA ALA C 44 -34.86 8.56 9.19
C ALA C 44 -36.09 7.77 8.84
N SER C 45 -36.72 8.13 7.72
CA SER C 45 -37.98 7.52 7.31
C SER C 45 -37.85 6.05 7.00
N VAL C 46 -36.87 5.70 6.18
CA VAL C 46 -36.64 4.32 5.79
C VAL C 46 -36.23 3.42 6.98
N LEU C 47 -35.33 3.90 7.83
CA LEU C 47 -34.98 3.18 9.02
C LEU C 47 -36.19 2.99 9.98
N ALA C 48 -37.18 3.88 9.89
CA ALA C 48 -38.38 3.76 10.73
C ALA C 48 -39.20 2.59 10.24
N MET C 49 -39.31 2.49 8.91
CA MET C 49 -39.91 1.34 8.28
C MET C 49 -39.18 0.05 8.72
N LEU C 50 -37.86 0.09 8.80
CA LEU C 50 -37.10 -1.12 9.14
C LEU C 50 -37.48 -1.57 10.53
N GLN C 51 -37.61 -0.62 11.46
CA GLN C 51 -38.08 -0.90 12.81
C GLN C 51 -39.39 -1.70 12.77
N LEU C 52 -40.15 -1.58 11.69
CA LEU C 52 -41.40 -2.32 11.60
C LEU C 52 -41.19 -3.73 11.04
N THR C 53 -40.10 -3.93 10.31
CA THR C 53 -39.81 -5.19 9.66
C THR C 53 -38.85 -6.11 10.42
N THR C 54 -37.88 -5.53 11.15
CA THR C 54 -36.85 -6.31 11.84
C THR C 54 -37.28 -6.78 13.22
N GLY C 55 -36.44 -7.59 13.87
CA GLY C 55 -36.75 -8.14 15.19
C GLY C 55 -35.48 -8.41 15.99
N GLY C 56 -35.64 -8.90 17.21
CA GLY C 56 -34.48 -9.27 18.02
C GLY C 56 -33.39 -8.21 18.06
N GLU C 57 -32.13 -8.63 17.93
CA GLU C 57 -31.00 -7.72 18.06
C GLU C 57 -30.94 -6.65 16.97
N THR C 58 -31.33 -7.03 15.75
CA THR C 58 -31.36 -6.11 14.61
C THR C 58 -32.29 -4.93 14.88
N GLN C 59 -33.52 -5.23 15.27
CA GLN C 59 -34.50 -4.21 15.61
C GLN C 59 -34.04 -3.40 16.82
N GLN C 60 -33.39 -4.06 17.77
CA GLN C 60 -32.76 -3.39 18.91
C GLN C 60 -31.70 -2.37 18.48
N GLN C 61 -30.93 -2.70 17.44
CA GLN C 61 -29.80 -1.90 17.00
C GLN C 61 -30.25 -0.62 16.31
N ILE C 62 -31.37 -0.70 15.62
CA ILE C 62 -31.93 0.44 14.92
C ILE C 62 -32.61 1.36 15.95
N GLN C 63 -33.34 0.74 16.86
CA GLN C 63 -33.89 1.43 18.03
C GLN C 63 -32.82 2.07 18.89
N ALA C 64 -31.65 1.45 18.98
CA ALA C 64 -30.59 2.04 19.79
C ALA C 64 -29.95 3.24 19.09
N ALA C 65 -29.66 3.07 17.80
CA ALA C 65 -29.07 4.12 16.95
C ALA C 65 -29.98 5.32 16.77
N MET C 66 -31.26 5.03 16.57
CA MET C 66 -32.23 6.07 16.27
C MET C 66 -32.65 6.83 17.53
N GLY C 67 -32.66 6.16 18.67
CA GLY C 67 -32.93 6.84 19.96
C GLY C 67 -34.42 6.98 20.30
N PHE C 68 -35.26 6.17 19.67
CA PHE C 68 -36.70 6.12 19.93
C PHE C 68 -37.32 4.92 19.25
N LYS C 69 -38.47 4.48 19.75
CA LYS C 69 -39.17 3.33 19.18
C LYS C 69 -40.43 3.76 18.48
N ILE C 70 -40.62 3.30 17.25
CA ILE C 70 -41.71 3.77 16.41
C ILE C 70 -43.08 3.20 16.86
N ASP C 71 -43.05 2.12 17.63
CA ASP C 71 -44.29 1.44 17.99
C ASP C 71 -44.75 1.81 19.41
N ASP C 72 -43.90 2.58 20.08
CA ASP C 72 -44.15 3.24 21.35
C ASP C 72 -45.53 3.90 21.40
N LYS C 73 -46.16 3.90 22.57
CA LYS C 73 -47.47 4.52 22.70
C LYS C 73 -47.37 6.00 22.37
N GLY C 74 -48.33 6.47 21.56
CA GLY C 74 -48.43 7.87 21.16
C GLY C 74 -47.70 8.20 19.87
N MET C 75 -46.99 7.21 19.33
CA MET C 75 -46.22 7.41 18.12
C MET C 75 -47.05 7.65 16.86
N ALA C 76 -48.28 7.12 16.81
CA ALA C 76 -49.11 7.23 15.62
C ALA C 76 -49.80 8.59 15.40
N PRO C 77 -50.39 9.19 16.47
CA PRO C 77 -50.94 10.57 16.38
C PRO C 77 -49.87 11.62 16.06
N ALA C 78 -48.67 11.40 16.61
CA ALA C 78 -47.49 12.23 16.38
C ALA C 78 -46.99 12.17 14.92
N LEU C 79 -46.90 10.96 14.38
CA LEU C 79 -46.52 10.76 12.98
C LEU C 79 -47.55 11.40 12.01
N ARG C 80 -48.84 11.36 12.41
CA ARG C 80 -49.93 12.01 11.68
C ARG C 80 -49.79 13.55 11.76
N HIS C 81 -49.64 14.10 12.96
CA HIS C 81 -49.42 15.53 13.14
C HIS C 81 -48.22 16.02 12.31
N LEU C 82 -47.14 15.25 12.33
CA LEU C 82 -45.93 15.63 11.58
C LEU C 82 -46.14 15.61 10.06
N TYR C 83 -46.85 14.61 9.56
CA TYR C 83 -47.20 14.52 8.15
C TYR C 83 -47.94 15.78 7.72
N LYS C 84 -49.12 16.01 8.31
CA LYS C 84 -49.90 17.23 8.05
C LYS C 84 -49.09 18.52 8.21
N GLU C 85 -48.07 18.49 9.05
CA GLU C 85 -47.28 19.70 9.30
C GLU C 85 -46.41 20.07 8.13
N LEU C 86 -45.97 19.06 7.40
CA LEU C 86 -45.05 19.24 6.28
C LEU C 86 -45.85 19.46 5.04
N MET C 87 -47.05 18.89 5.03
CA MET C 87 -47.86 18.91 3.82
C MET C 87 -48.80 20.14 3.78
N GLY C 88 -49.01 20.76 4.94
CA GLY C 88 -49.90 21.89 5.05
C GLY C 88 -49.80 22.99 4.01
N PRO C 89 -50.97 23.53 3.62
CA PRO C 89 -50.92 24.58 2.56
C PRO C 89 -50.32 25.86 3.08
N TRP C 90 -50.46 26.12 4.37
CA TRP C 90 -49.84 27.30 5.00
C TRP C 90 -48.30 27.38 4.85
N ASN C 91 -47.65 26.31 4.37
CA ASN C 91 -46.20 26.29 4.14
C ASN C 91 -45.88 27.01 2.85
N LYS C 92 -46.84 26.96 1.94
CA LYS C 92 -46.80 27.64 0.65
C LYS C 92 -45.79 27.00 -0.27
N ASP C 93 -44.55 26.88 0.20
CA ASP C 93 -43.58 26.05 -0.51
C ASP C 93 -43.98 24.57 -0.40
N GLU C 94 -43.57 23.79 -1.40
CA GLU C 94 -44.11 22.48 -1.63
C GLU C 94 -43.22 21.41 -1.00
N ILE C 95 -43.80 20.56 -0.17
CA ILE C 95 -43.10 19.37 0.31
C ILE C 95 -43.88 18.14 -0.03
N SER C 96 -43.18 17.10 -0.44
CA SER C 96 -43.85 15.83 -0.65
C SER C 96 -43.04 14.63 -0.11
N THR C 97 -43.62 13.88 0.82
CA THR C 97 -42.95 12.67 1.28
C THR C 97 -43.82 11.43 1.14
N THR C 98 -43.25 10.37 0.55
CA THR C 98 -43.94 9.10 0.36
C THR C 98 -43.04 7.89 0.63
N ASP C 99 -43.55 6.93 1.41
CA ASP C 99 -42.82 5.71 1.73
C ASP C 99 -43.49 4.46 1.10
N ALA C 100 -42.69 3.49 0.68
CA ALA C 100 -43.26 2.27 0.12
C ALA C 100 -42.49 1.03 0.53
N ILE C 101 -43.18 -0.09 0.63
CA ILE C 101 -42.47 -1.35 0.80
C ILE C 101 -42.74 -2.31 -0.37
N PHE C 102 -41.68 -2.61 -1.12
CA PHE C 102 -41.81 -3.49 -2.28
C PHE C 102 -41.47 -4.93 -1.92
N VAL C 103 -42.50 -5.78 -1.88
CA VAL C 103 -42.31 -7.17 -1.51
C VAL C 103 -42.70 -8.14 -2.63
N GLN C 104 -42.27 -9.39 -2.46
CA GLN C 104 -42.52 -10.44 -3.46
C GLN C 104 -43.95 -10.97 -3.37
N ARG C 105 -44.63 -10.98 -4.52
CA ARG C 105 -46.05 -11.31 -4.58
C ARG C 105 -46.48 -12.49 -3.71
N ASP C 106 -45.70 -13.57 -3.71
CA ASP C 106 -46.13 -14.80 -3.03
C ASP C 106 -45.76 -14.84 -1.56
N LEU C 107 -44.83 -13.99 -1.14
CA LEU C 107 -44.31 -14.02 0.23
C LEU C 107 -45.40 -13.83 1.26
N LYS C 108 -45.45 -14.72 2.26
CA LYS C 108 -46.45 -14.63 3.31
C LYS C 108 -45.93 -13.71 4.42
N LEU C 109 -46.74 -12.71 4.75
CA LEU C 109 -46.39 -11.73 5.78
C LEU C 109 -47.04 -12.11 7.10
N VAL C 110 -46.38 -11.83 8.22
CA VAL C 110 -47.04 -12.06 9.51
C VAL C 110 -48.29 -11.19 9.58
N GLN C 111 -49.24 -11.63 10.41
CA GLN C 111 -50.56 -11.02 10.44
C GLN C 111 -50.54 -9.55 10.88
N GLY C 112 -49.99 -9.29 12.07
CA GLY C 112 -50.07 -7.96 12.65
C GLY C 112 -49.03 -6.95 12.16
N PHE C 113 -48.53 -7.15 10.93
CA PHE C 113 -47.59 -6.22 10.31
C PHE C 113 -48.29 -5.19 9.45
N MET C 114 -49.23 -5.64 8.65
CA MET C 114 -49.98 -4.72 7.79
C MET C 114 -50.73 -3.62 8.59
N PRO C 115 -51.46 -3.99 9.66
CA PRO C 115 -52.11 -2.91 10.45
C PRO C 115 -51.11 -1.92 11.08
N HIS C 116 -49.92 -2.38 11.45
CA HIS C 116 -48.88 -1.47 11.91
C HIS C 116 -48.41 -0.50 10.82
N PHE C 117 -48.07 -1.04 9.65
CA PHE C 117 -47.60 -0.25 8.51
C PHE C 117 -48.62 0.79 8.01
N PHE C 118 -49.92 0.51 8.17
CA PHE C 118 -50.95 1.47 7.79
C PHE C 118 -51.20 2.50 8.90
N ARG C 119 -51.01 2.09 10.15
CA ARG C 119 -51.21 2.99 11.28
C ARG C 119 -50.19 4.10 11.23
N LEU C 120 -48.94 3.72 11.04
CA LEU C 120 -47.82 4.63 11.18
C LEU C 120 -47.43 5.33 9.86
N PHE C 121 -47.66 4.66 8.73
CA PHE C 121 -47.22 5.18 7.45
C PHE C 121 -48.36 5.41 6.43
N ARG C 122 -49.60 5.14 6.84
CA ARG C 122 -50.78 5.19 5.96
C ARG C 122 -50.58 4.50 4.61
N SER C 123 -49.43 3.86 4.43
CA SER C 123 -49.15 3.09 3.23
C SER C 123 -49.57 1.59 3.35
N THR C 124 -49.77 0.95 2.19
CA THR C 124 -49.96 -0.51 2.12
C THR C 124 -48.84 -1.14 1.30
N VAL C 125 -48.47 -2.37 1.64
CA VAL C 125 -47.33 -3.02 0.99
C VAL C 125 -47.56 -3.13 -0.52
N LYS C 126 -46.49 -3.29 -1.28
CA LYS C 126 -46.66 -3.38 -2.73
C LYS C 126 -46.14 -4.69 -3.33
N GLN C 127 -47.07 -5.51 -3.82
CA GLN C 127 -46.73 -6.83 -4.37
C GLN C 127 -46.32 -6.78 -5.83
N VAL C 128 -45.03 -6.96 -6.08
CA VAL C 128 -44.52 -7.05 -7.45
C VAL C 128 -43.60 -8.24 -7.68
N ASP C 129 -43.57 -8.71 -8.93
CA ASP C 129 -42.78 -9.89 -9.31
C ASP C 129 -41.31 -9.56 -9.56
N PHE C 130 -40.43 -10.11 -8.74
CA PHE C 130 -39.01 -9.78 -8.83
C PHE C 130 -38.23 -10.75 -9.72
N SER C 131 -38.92 -11.77 -10.23
CA SER C 131 -38.28 -12.70 -11.17
C SER C 131 -37.95 -11.97 -12.49
N GLU C 132 -38.89 -11.17 -12.96
CA GLU C 132 -38.67 -10.30 -14.13
C GLU C 132 -37.80 -9.09 -13.76
N VAL C 133 -36.49 -9.25 -13.83
CA VAL C 133 -35.54 -8.19 -13.45
C VAL C 133 -35.68 -6.85 -14.19
N GLU C 134 -35.94 -6.89 -15.50
CA GLU C 134 -36.16 -5.66 -16.28
C GLU C 134 -37.44 -4.99 -15.84
N ARG C 135 -38.46 -5.78 -15.54
CA ARG C 135 -39.77 -5.23 -15.18
C ARG C 135 -39.71 -4.63 -13.78
N ALA C 136 -39.05 -5.34 -12.87
CA ALA C 136 -38.94 -4.92 -11.47
C ALA C 136 -38.28 -3.55 -11.36
N ARG C 137 -37.12 -3.43 -11.98
CA ARG C 137 -36.38 -2.20 -11.91
C ARG C 137 -37.19 -1.06 -12.50
N PHE C 138 -38.02 -1.35 -13.50
CA PHE C 138 -38.84 -0.31 -14.14
C PHE C 138 -39.96 0.17 -13.20
N ILE C 139 -40.56 -0.76 -12.47
CA ILE C 139 -41.67 -0.48 -11.56
C ILE C 139 -41.25 0.40 -10.40
N ILE C 140 -40.13 0.06 -9.79
CA ILE C 140 -39.59 0.87 -8.74
C ILE C 140 -39.19 2.23 -9.31
N ASN C 141 -38.21 2.22 -10.21
CA ASN C 141 -37.67 3.44 -10.79
C ASN C 141 -38.76 4.42 -11.24
N ASP C 142 -39.83 3.91 -11.81
CA ASP C 142 -40.91 4.80 -12.25
C ASP C 142 -41.73 5.37 -11.08
N TRP C 143 -41.79 4.62 -9.98
CA TRP C 143 -42.48 5.06 -8.77
C TRP C 143 -41.77 6.26 -8.12
N VAL C 144 -40.44 6.15 -8.00
CA VAL C 144 -39.61 7.23 -7.49
C VAL C 144 -39.82 8.50 -8.31
N LYS C 145 -39.81 8.32 -9.63
CA LYS C 145 -40.00 9.40 -10.58
C LYS C 145 -41.34 10.06 -10.32
N THR C 146 -42.37 9.24 -10.14
CA THR C 146 -43.69 9.75 -9.84
C THR C 146 -43.79 10.52 -8.53
N HIS C 147 -42.90 10.26 -7.59
CA HIS C 147 -43.07 10.86 -6.28
C HIS C 147 -42.03 11.92 -5.95
N THR C 148 -41.20 12.22 -6.95
CA THR C 148 -40.22 13.27 -6.86
C THR C 148 -40.41 14.19 -8.04
N LYS C 149 -41.65 14.25 -8.50
CA LYS C 149 -42.01 15.03 -9.67
C LYS C 149 -41.01 14.96 -10.84
N GLY C 150 -40.51 13.75 -11.10
CA GLY C 150 -39.72 13.52 -12.30
C GLY C 150 -38.25 13.85 -12.14
N MET C 151 -37.85 14.21 -10.92
CA MET C 151 -36.46 14.62 -10.69
C MET C 151 -35.50 13.41 -10.61
N ILE C 152 -35.98 12.30 -10.08
CA ILE C 152 -35.18 11.07 -10.00
C ILE C 152 -35.78 9.92 -10.81
N SER C 153 -35.32 9.82 -12.05
CA SER C 153 -35.84 8.92 -13.10
C SER C 153 -35.33 7.49 -13.00
N ASN C 154 -34.04 7.33 -12.72
CA ASN C 154 -33.40 6.03 -12.65
C ASN C 154 -32.63 5.87 -11.36
N LEU C 155 -33.32 5.55 -10.28
CA LEU C 155 -32.64 5.31 -9.01
C LEU C 155 -31.72 4.10 -9.13
N LEU C 156 -32.25 3.03 -9.71
CA LEU C 156 -31.54 1.76 -9.79
C LEU C 156 -30.86 1.47 -11.14
N GLY C 157 -29.52 1.48 -11.15
CA GLY C 157 -28.74 1.10 -12.34
C GLY C 157 -28.79 -0.39 -12.64
N LYS C 158 -28.33 -0.79 -13.82
CA LYS C 158 -28.23 -2.21 -14.19
C LYS C 158 -27.31 -2.93 -13.21
N GLY C 159 -27.85 -3.82 -12.39
CA GLY C 159 -27.03 -4.58 -11.45
C GLY C 159 -27.34 -4.27 -9.99
N ALA C 160 -28.42 -3.52 -9.77
CA ALA C 160 -28.86 -3.15 -8.43
C ALA C 160 -29.92 -4.10 -7.82
N VAL C 161 -30.79 -4.65 -8.68
CA VAL C 161 -31.69 -5.72 -8.26
C VAL C 161 -31.61 -6.89 -9.22
N ASP C 162 -31.80 -8.10 -8.71
CA ASP C 162 -31.81 -9.27 -9.57
C ASP C 162 -33.14 -10.01 -9.42
N GLN C 163 -33.08 -11.33 -9.28
CA GLN C 163 -34.30 -12.11 -9.13
C GLN C 163 -34.45 -12.65 -7.72
N LEU C 164 -33.34 -12.73 -6.99
CA LEU C 164 -33.43 -13.21 -5.61
C LEU C 164 -33.87 -12.09 -4.65
N THR C 165 -33.99 -10.88 -5.18
CA THR C 165 -34.54 -9.73 -4.44
C THR C 165 -35.95 -9.99 -3.90
N ARG C 166 -36.13 -9.83 -2.59
CA ARG C 166 -37.44 -10.04 -1.98
C ARG C 166 -38.07 -8.75 -1.43
N LEU C 167 -37.22 -7.79 -1.06
CA LEU C 167 -37.65 -6.63 -0.30
C LEU C 167 -36.91 -5.37 -0.69
N VAL C 168 -37.68 -4.31 -0.91
CA VAL C 168 -37.10 -3.00 -1.18
C VAL C 168 -37.93 -1.91 -0.51
N LEU C 169 -37.32 -1.19 0.42
CA LEU C 169 -38.04 -0.09 1.08
C LEU C 169 -37.49 1.23 0.58
N VAL C 170 -38.39 2.13 0.18
CA VAL C 170 -38.00 3.41 -0.34
C VAL C 170 -38.83 4.55 0.29
N ASN C 171 -38.21 5.70 0.44
CA ASN C 171 -38.92 6.95 0.77
C ASN C 171 -38.60 7.89 -0.38
N ALA C 172 -39.61 8.60 -0.88
CA ALA C 172 -39.34 9.64 -1.88
C ALA C 172 -39.72 10.98 -1.25
N LEU C 173 -38.74 11.90 -1.17
CA LEU C 173 -38.96 13.22 -0.60
C LEU C 173 -38.80 14.32 -1.68
N TYR C 174 -39.81 15.16 -1.82
CA TYR C 174 -39.71 16.26 -2.75
C TYR C 174 -39.87 17.61 -2.08
N PHE C 175 -39.09 18.58 -2.56
CA PHE C 175 -39.18 19.94 -2.08
C PHE C 175 -39.01 20.97 -3.20
N ASN C 176 -39.94 21.92 -3.26
CA ASN C 176 -39.84 23.01 -4.21
C ASN C 176 -40.16 24.24 -3.42
N GLY C 177 -39.18 25.09 -3.19
CA GLY C 177 -39.45 26.36 -2.52
C GLY C 177 -38.99 27.54 -3.34
N GLN C 178 -39.56 28.71 -3.05
CA GLN C 178 -39.20 30.01 -3.62
C GLN C 178 -38.68 30.91 -2.50
N TRP C 179 -37.54 31.56 -2.69
CA TRP C 179 -37.01 32.43 -1.67
C TRP C 179 -38.01 33.52 -1.27
N LYS C 180 -38.03 33.89 0.03
CA LYS C 180 -38.83 35.03 0.46
C LYS C 180 -38.46 36.23 -0.38
N THR C 181 -37.16 36.44 -0.61
CA THR C 181 -36.66 37.55 -1.46
C THR C 181 -35.65 37.07 -2.50
N PRO C 182 -36.06 37.10 -3.78
CA PRO C 182 -35.21 36.57 -4.87
C PRO C 182 -33.90 37.34 -5.09
N PHE C 183 -32.92 36.67 -5.70
CA PHE C 183 -31.63 37.25 -6.02
C PHE C 183 -31.83 37.93 -7.36
N PRO C 184 -31.42 39.19 -7.46
CA PRO C 184 -31.63 39.86 -8.75
C PRO C 184 -30.83 39.18 -9.86
N ASP C 185 -31.40 39.13 -11.06
CA ASP C 185 -30.64 38.70 -12.23
C ASP C 185 -29.39 39.57 -12.37
N SER C 186 -29.57 40.88 -12.23
CA SER C 186 -28.51 41.89 -12.42
C SER C 186 -27.27 41.65 -11.54
N SER C 187 -27.34 40.64 -10.68
CA SER C 187 -26.27 40.39 -9.71
C SER C 187 -25.63 39.02 -9.95
N THR C 188 -26.27 38.18 -10.75
CA THR C 188 -25.68 36.87 -11.08
C THR C 188 -24.45 37.09 -11.98
N HIS C 189 -23.30 36.59 -11.53
CA HIS C 189 -21.99 36.91 -12.12
C HIS C 189 -21.10 35.68 -12.08
N ARG C 190 -19.87 35.80 -12.60
CA ARG C 190 -18.90 34.71 -12.63
C ARG C 190 -17.77 35.01 -11.68
N ARG C 191 -17.47 34.06 -10.80
CA ARG C 191 -16.39 34.21 -9.84
C ARG C 191 -15.37 33.05 -9.98
N LEU C 192 -14.08 33.36 -9.78
CA LEU C 192 -13.04 32.37 -9.84
C LEU C 192 -12.96 31.60 -8.53
N PHE C 193 -12.71 30.31 -8.63
CA PHE C 193 -12.47 29.49 -7.48
C PHE C 193 -11.07 28.91 -7.66
N HIS C 194 -10.27 29.01 -6.62
CA HIS C 194 -8.90 28.53 -6.66
C HIS C 194 -8.77 27.17 -6.02
N LYS C 195 -8.29 26.22 -6.81
CA LYS C 195 -8.10 24.84 -6.35
C LYS C 195 -6.70 24.71 -5.78
N SER C 196 -6.54 23.76 -4.85
CA SER C 196 -5.25 23.50 -4.19
C SER C 196 -4.07 23.22 -5.13
N ASP C 197 -4.34 22.61 -6.27
CA ASP C 197 -3.25 22.29 -7.20
C ASP C 197 -2.71 23.52 -7.92
N GLY C 198 -3.36 24.67 -7.70
CA GLY C 198 -2.92 25.89 -8.35
C GLY C 198 -3.76 26.31 -9.54
N SER C 199 -4.71 25.47 -9.96
CA SER C 199 -5.57 25.81 -11.11
C SER C 199 -6.82 26.52 -10.64
N THR C 200 -7.68 26.85 -11.60
CA THR C 200 -8.75 27.76 -11.33
C THR C 200 -9.91 27.43 -12.23
N VAL C 201 -11.11 27.66 -11.73
CA VAL C 201 -12.31 27.41 -12.51
C VAL C 201 -13.27 28.61 -12.33
N SER C 202 -13.99 28.95 -13.39
CA SER C 202 -14.97 30.02 -13.33
C SER C 202 -16.35 29.43 -12.95
N VAL C 203 -16.96 29.98 -11.90
CA VAL C 203 -18.22 29.43 -11.34
C VAL C 203 -19.36 30.48 -11.28
N PRO C 204 -20.58 30.07 -11.69
CA PRO C 204 -21.74 30.97 -11.60
C PRO C 204 -22.06 31.32 -10.14
N MET C 205 -22.28 32.61 -9.86
CA MET C 205 -22.58 33.09 -8.50
C MET C 205 -23.75 34.11 -8.44
N MET C 206 -24.56 34.01 -7.38
CA MET C 206 -25.59 35.01 -7.11
C MET C 206 -25.22 35.87 -5.90
N ALA C 207 -25.90 37.00 -5.76
CA ALA C 207 -25.68 37.90 -4.65
C ALA C 207 -26.95 38.72 -4.42
N GLN C 208 -27.22 39.04 -3.15
CA GLN C 208 -28.32 39.92 -2.75
C GLN C 208 -28.02 40.57 -1.39
N THR C 209 -28.59 41.75 -1.18
CA THR C 209 -28.46 42.48 0.08
C THR C 209 -29.85 42.60 0.70
N ASN C 210 -29.95 42.23 1.96
CA ASN C 210 -31.22 42.19 2.69
C ASN C 210 -30.98 42.08 4.18
N LYS C 211 -32.03 42.16 4.99
CA LYS C 211 -31.83 41.97 6.42
C LYS C 211 -31.98 40.50 6.71
N PHE C 212 -30.93 39.83 7.16
CA PHE C 212 -31.00 38.38 7.34
C PHE C 212 -30.86 38.00 8.81
N ASN C 213 -31.55 36.95 9.22
CA ASN C 213 -31.25 36.36 10.52
C ASN C 213 -29.82 35.86 10.55
N TYR C 214 -29.04 36.40 11.47
CA TYR C 214 -27.63 36.14 11.51
C TYR C 214 -27.16 35.88 12.91
N THR C 215 -26.27 34.88 13.03
CA THR C 215 -25.45 34.70 14.23
C THR C 215 -24.00 34.29 13.89
N GLU C 216 -23.08 34.67 14.78
CA GLU C 216 -21.68 34.26 14.65
C GLU C 216 -21.50 33.01 15.48
N PHE C 217 -20.64 32.09 15.08
CA PHE C 217 -20.49 30.84 15.82
C PHE C 217 -19.02 30.38 15.92
N THR C 218 -18.62 29.95 17.12
CA THR C 218 -17.28 29.50 17.42
C THR C 218 -17.35 28.04 17.85
N THR C 219 -16.40 27.21 17.41
CA THR C 219 -16.33 25.81 17.86
C THR C 219 -15.49 25.80 19.13
N PRO C 220 -15.55 24.70 19.89
CA PRO C 220 -14.76 24.62 21.16
C PRO C 220 -13.26 24.91 20.93
N ASP C 221 -12.74 24.49 19.78
CA ASP C 221 -11.34 24.69 19.41
C ASP C 221 -11.04 26.11 18.87
N GLY C 222 -12.01 27.00 18.87
CA GLY C 222 -11.77 28.41 18.60
C GLY C 222 -12.12 28.92 17.20
N HIS C 223 -12.57 28.01 16.35
CA HIS C 223 -12.85 28.37 14.97
C HIS C 223 -14.22 29.06 14.74
N TYR C 224 -14.18 30.11 13.92
CA TYR C 224 -15.30 31.02 13.76
C TYR C 224 -16.04 30.74 12.48
N TYR C 225 -17.37 30.84 12.56
CA TYR C 225 -18.24 30.65 11.40
C TYR C 225 -19.34 31.73 11.33
N ASP C 226 -19.75 32.03 10.11
CA ASP C 226 -20.87 32.94 9.85
C ASP C 226 -22.10 31.99 9.71
N ILE C 227 -23.24 32.31 10.31
CA ILE C 227 -24.45 31.47 10.13
C ILE C 227 -25.57 32.38 9.69
N LEU C 228 -25.97 32.27 8.43
CA LEU C 228 -27.02 33.09 7.87
C LEU C 228 -28.23 32.21 7.54
N GLU C 229 -29.43 32.76 7.72
CA GLU C 229 -30.66 32.04 7.49
C GLU C 229 -31.38 32.67 6.29
N LEU C 230 -31.59 31.88 5.25
CA LEU C 230 -32.20 32.37 4.01
C LEU C 230 -33.62 31.79 3.85
N PRO C 231 -34.64 32.64 4.07
CA PRO C 231 -36.00 32.11 4.11
C PRO C 231 -36.62 31.83 2.76
N TYR C 232 -37.56 30.89 2.79
CA TYR C 232 -38.45 30.61 1.67
C TYR C 232 -39.76 31.37 1.94
N HIS C 233 -40.50 31.67 0.86
CA HIS C 233 -41.63 32.62 0.90
C HIS C 233 -42.77 32.26 1.84
N GLY C 234 -42.90 30.99 2.21
CA GLY C 234 -43.95 30.53 3.14
C GLY C 234 -43.74 30.98 4.59
N ASP C 235 -42.52 31.37 4.91
CA ASP C 235 -42.11 31.65 6.31
C ASP C 235 -42.06 30.45 7.26
N THR C 236 -42.12 29.24 6.71
CA THR C 236 -41.99 28.06 7.58
C THR C 236 -40.71 27.27 7.33
N LEU C 237 -40.16 27.42 6.14
CA LEU C 237 -38.95 26.75 5.72
C LEU C 237 -37.88 27.81 5.47
N SER C 238 -36.62 27.48 5.81
CA SER C 238 -35.50 28.33 5.45
C SER C 238 -34.29 27.44 5.14
N MET C 239 -33.29 28.03 4.45
CA MET C 239 -31.98 27.40 4.26
C MET C 239 -30.97 28.11 5.11
N PHE C 240 -30.37 27.38 6.05
CA PHE C 240 -29.29 27.94 6.87
C PHE C 240 -27.96 27.70 6.12
N ILE C 241 -27.04 28.66 6.21
CA ILE C 241 -25.82 28.60 5.47
C ILE C 241 -24.74 28.90 6.47
N ALA C 242 -23.77 28.01 6.57
CA ALA C 242 -22.62 28.23 7.44
C ALA C 242 -21.35 28.37 6.61
N ALA C 243 -20.67 29.52 6.73
CA ALA C 243 -19.43 29.78 5.98
C ALA C 243 -18.29 30.01 6.95
N PRO C 244 -17.06 29.59 6.59
CA PRO C 244 -15.90 29.74 7.48
C PRO C 244 -15.20 31.08 7.38
N TYR C 245 -14.79 31.62 8.52
CA TYR C 245 -14.08 32.89 8.59
C TYR C 245 -12.66 32.84 7.98
N GLU C 246 -12.06 31.65 7.97
CA GLU C 246 -10.63 31.48 7.70
C GLU C 246 -10.31 30.34 6.72
N LYS C 247 -9.29 30.56 5.90
CA LYS C 247 -8.90 29.60 4.87
C LYS C 247 -8.15 28.38 5.43
N GLU C 248 -7.53 28.53 6.59
CA GLU C 248 -6.76 27.40 7.14
C GLU C 248 -7.71 26.37 7.77
N VAL C 249 -8.89 26.84 8.14
CA VAL C 249 -9.89 26.04 8.87
C VAL C 249 -10.71 25.12 7.94
N PRO C 250 -10.78 23.83 8.25
CA PRO C 250 -11.52 22.96 7.34
C PRO C 250 -12.99 22.73 7.78
N LEU C 251 -13.83 22.26 6.87
CA LEU C 251 -15.24 22.14 7.17
C LEU C 251 -15.49 21.02 8.21
N SER C 252 -14.46 20.26 8.53
CA SER C 252 -14.60 19.15 9.45
C SER C 252 -14.77 19.68 10.86
N ALA C 253 -14.18 20.82 11.14
CA ALA C 253 -14.28 21.41 12.45
C ALA C 253 -15.74 21.67 12.83
N LEU C 254 -16.54 22.12 11.87
CA LEU C 254 -17.96 22.38 12.08
C LEU C 254 -18.71 21.05 11.97
N THR C 255 -18.62 20.41 10.81
CA THR C 255 -19.40 19.18 10.62
C THR C 255 -19.21 18.04 11.64
N ASN C 256 -18.07 17.99 12.32
CA ASN C 256 -17.79 16.91 13.29
C ASN C 256 -18.53 17.10 14.59
N ILE C 257 -19.17 18.27 14.74
CA ILE C 257 -19.89 18.63 15.96
C ILE C 257 -21.34 19.00 15.64
N LEU C 258 -21.74 18.83 14.39
CA LEU C 258 -23.09 19.15 13.96
C LEU C 258 -24.10 18.24 14.60
N SER C 259 -25.16 18.84 15.11
CA SER C 259 -26.31 18.12 15.62
C SER C 259 -27.56 18.91 15.22
N ALA C 260 -28.73 18.29 15.37
CA ALA C 260 -29.99 18.95 15.11
C ALA C 260 -30.25 20.03 16.15
N GLN C 261 -29.78 19.77 17.37
CA GLN C 261 -29.83 20.73 18.46
C GLN C 261 -28.98 21.95 18.22
N LEU C 262 -27.82 21.78 17.59
CA LEU C 262 -26.98 22.92 17.26
C LEU C 262 -27.72 23.84 16.31
N ILE C 263 -28.34 23.27 15.27
CA ILE C 263 -29.09 24.03 14.28
C ILE C 263 -30.23 24.81 14.96
N SER C 264 -30.92 24.13 15.88
CA SER C 264 -31.94 24.76 16.71
C SER C 264 -31.34 25.86 17.53
N HIS C 265 -30.16 25.64 18.09
CA HIS C 265 -29.55 26.69 18.86
C HIS C 265 -29.30 27.93 18.00
N TRP C 266 -28.69 27.74 16.83
CA TRP C 266 -28.42 28.83 15.91
C TRP C 266 -29.69 29.60 15.67
N LYS C 267 -30.75 28.88 15.29
CA LYS C 267 -32.02 29.48 14.98
C LYS C 267 -32.52 30.33 16.13
N GLY C 268 -32.49 29.75 17.34
CA GLY C 268 -32.95 30.45 18.52
C GLY C 268 -32.13 31.66 18.95
N ASN C 269 -30.97 31.87 18.36
CA ASN C 269 -30.08 32.95 18.83
C ASN C 269 -29.56 33.87 17.73
N MET C 270 -30.38 34.10 16.73
CA MET C 270 -30.09 34.99 15.61
C MET C 270 -30.82 36.32 15.74
N THR C 271 -30.16 37.38 15.29
CA THR C 271 -30.69 38.72 15.16
C THR C 271 -30.85 38.99 13.69
N ARG C 272 -31.79 39.84 13.32
CA ARG C 272 -31.95 40.32 11.95
C ARG C 272 -31.00 41.51 11.68
N LEU C 273 -29.94 41.28 10.89
CA LEU C 273 -28.99 42.34 10.56
C LEU C 273 -28.86 42.55 9.04
N PRO C 274 -28.55 43.79 8.62
CA PRO C 274 -28.37 43.97 7.16
C PRO C 274 -27.08 43.28 6.70
N ARG C 275 -27.22 42.34 5.77
CA ARG C 275 -26.04 41.64 5.22
C ARG C 275 -26.14 41.47 3.72
N LEU C 276 -24.97 41.40 3.10
CA LEU C 276 -24.78 40.98 1.71
C LEU C 276 -24.49 39.48 1.71
N LEU C 277 -25.24 38.74 0.90
CA LEU C 277 -25.09 37.29 0.82
C LEU C 277 -24.66 36.87 -0.59
N VAL C 278 -23.53 36.18 -0.67
CA VAL C 278 -23.02 35.66 -1.93
C VAL C 278 -23.20 34.15 -1.94
N LEU C 279 -24.04 33.64 -2.82
CA LEU C 279 -24.32 32.19 -2.87
C LEU C 279 -24.28 31.67 -4.29
N PRO C 280 -23.62 30.51 -4.50
CA PRO C 280 -23.52 29.87 -5.81
C PRO C 280 -24.83 29.45 -6.45
N LYS C 281 -24.86 29.53 -7.78
CA LYS C 281 -25.96 29.04 -8.58
C LYS C 281 -25.58 27.63 -8.99
N PHE C 282 -25.70 26.68 -8.07
CA PHE C 282 -25.22 25.29 -8.25
C PHE C 282 -26.33 24.29 -8.46
N SER C 283 -26.03 23.24 -9.21
CA SER C 283 -26.89 22.06 -9.36
C SER C 283 -26.05 20.88 -8.96
N LEU C 284 -26.35 20.28 -7.82
CA LEU C 284 -25.56 19.16 -7.33
C LEU C 284 -26.38 17.87 -7.28
N GLU C 285 -25.80 16.78 -7.77
CA GLU C 285 -26.44 15.47 -7.82
C GLU C 285 -25.45 14.45 -7.30
N THR C 286 -25.87 13.63 -6.36
CA THR C 286 -24.99 12.62 -5.78
C THR C 286 -25.77 11.40 -5.35
N GLU C 287 -25.03 10.35 -4.97
CA GLU C 287 -25.60 9.08 -4.60
C GLU C 287 -24.71 8.56 -3.51
N VAL C 288 -25.30 8.18 -2.38
CA VAL C 288 -24.45 7.78 -1.25
C VAL C 288 -24.79 6.43 -0.68
N ASP C 289 -23.74 5.73 -0.32
CA ASP C 289 -23.85 4.42 0.23
C ASP C 289 -24.14 4.60 1.70
N LEU C 290 -25.27 4.05 2.14
CA LEU C 290 -25.64 4.11 3.56
C LEU C 290 -25.24 2.88 4.35
N ARG C 291 -24.71 1.86 3.68
CA ARG C 291 -24.23 0.66 4.34
C ARG C 291 -23.14 0.93 5.39
N LYS C 292 -22.09 1.64 5.03
CA LYS C 292 -20.97 1.82 5.97
C LYS C 292 -21.35 2.76 7.12
N PRO C 293 -22.07 3.85 6.81
CA PRO C 293 -22.30 4.79 7.90
C PRO C 293 -23.30 4.21 8.90
N LEU C 294 -24.24 3.42 8.40
CA LEU C 294 -25.19 2.73 9.25
C LEU C 294 -24.49 1.72 10.16
N GLU C 295 -23.48 1.03 9.61
CA GLU C 295 -22.76 0.01 10.37
C GLU C 295 -22.01 0.71 11.50
N ASN C 296 -21.42 1.85 11.15
CA ASN C 296 -20.68 2.65 12.10
C ASN C 296 -21.49 3.15 13.29
N LEU C 297 -22.80 3.30 13.07
CA LEU C 297 -23.68 3.71 14.16
C LEU C 297 -24.37 2.48 14.76
N GLY C 298 -23.76 1.31 14.60
CA GLY C 298 -24.19 0.10 15.30
C GLY C 298 -25.19 -0.84 14.65
N MET C 299 -25.61 -0.51 13.43
CA MET C 299 -26.60 -1.35 12.74
C MET C 299 -25.89 -2.32 11.76
N THR C 300 -25.30 -3.35 12.33
CA THR C 300 -24.47 -4.30 11.57
C THR C 300 -25.30 -5.50 11.15
N ASP C 301 -25.97 -6.10 12.11
CA ASP C 301 -26.72 -7.35 11.92
C ASP C 301 -27.57 -7.44 10.66
N MET C 302 -28.31 -6.38 10.33
CA MET C 302 -29.23 -6.41 9.19
C MET C 302 -28.51 -6.65 7.86
N PHE C 303 -27.20 -6.39 7.83
CA PHE C 303 -26.38 -6.58 6.65
C PHE C 303 -25.70 -7.98 6.60
N ARG C 304 -25.72 -8.72 7.71
CA ARG C 304 -25.18 -10.08 7.73
C ARG C 304 -26.27 -11.09 7.38
N GLN C 305 -25.86 -12.14 6.67
CA GLN C 305 -26.78 -13.14 6.07
C GLN C 305 -27.71 -13.88 7.03
N PHE C 306 -27.18 -14.33 8.17
CA PHE C 306 -27.96 -15.13 9.11
C PHE C 306 -28.21 -14.38 10.41
N GLN C 307 -27.29 -13.47 10.76
CA GLN C 307 -27.43 -12.63 11.95
C GLN C 307 -28.67 -11.70 11.88
N ALA C 308 -29.16 -11.44 10.67
CA ALA C 308 -30.28 -10.52 10.47
C ALA C 308 -31.61 -11.15 10.90
N ASP C 309 -32.60 -10.31 11.21
CA ASP C 309 -33.90 -10.75 11.72
C ASP C 309 -35.03 -9.93 11.09
N PHE C 310 -35.95 -10.61 10.40
CA PHE C 310 -37.03 -9.93 9.70
C PHE C 310 -38.31 -10.65 10.02
N THR C 311 -38.35 -11.18 11.23
CA THR C 311 -39.45 -11.99 11.66
C THR C 311 -40.70 -11.15 11.99
N SER C 312 -40.54 -9.83 11.98
CA SER C 312 -41.68 -8.95 12.13
C SER C 312 -42.33 -8.76 10.77
N LEU C 313 -41.62 -9.16 9.74
CA LEU C 313 -42.13 -9.13 8.37
C LEU C 313 -42.54 -10.53 7.94
N SER C 314 -41.57 -11.43 7.91
CA SER C 314 -41.82 -12.84 7.58
C SER C 314 -40.91 -13.75 8.41
N ASP C 315 -41.51 -14.68 9.16
CA ASP C 315 -40.70 -15.61 9.97
C ASP C 315 -40.19 -16.79 9.15
N GLN C 316 -40.79 -16.99 7.98
CA GLN C 316 -40.50 -18.17 7.16
C GLN C 316 -39.07 -18.16 6.65
N GLU C 317 -38.85 -17.55 5.49
CA GLU C 317 -37.52 -17.58 4.87
C GLU C 317 -36.62 -16.49 5.45
N PRO C 318 -35.30 -16.69 5.35
CA PRO C 318 -34.39 -15.74 5.97
C PRO C 318 -34.20 -14.53 5.06
N LEU C 319 -33.87 -13.40 5.66
CA LEU C 319 -33.78 -12.14 4.92
C LEU C 319 -32.60 -11.34 5.42
N HIS C 320 -31.92 -10.66 4.53
CA HIS C 320 -30.88 -9.74 4.96
C HIS C 320 -30.63 -8.63 3.93
N VAL C 321 -30.31 -7.46 4.42
CA VAL C 321 -30.06 -6.33 3.58
C VAL C 321 -28.71 -6.47 2.91
N ALA C 322 -28.66 -6.10 1.62
CA ALA C 322 -27.42 -6.09 0.84
C ALA C 322 -27.01 -4.66 0.57
N GLN C 323 -27.97 -3.89 0.02
CA GLN C 323 -27.77 -2.49 -0.33
C GLN C 323 -28.57 -1.51 0.54
N ALA C 324 -27.96 -0.35 0.82
CA ALA C 324 -28.65 0.78 1.43
C ALA C 324 -28.06 2.09 0.90
N LEU C 325 -28.87 2.87 0.21
CA LEU C 325 -28.38 4.10 -0.42
C LEU C 325 -29.39 5.23 -0.42
N GLN C 326 -28.93 6.41 -0.85
CA GLN C 326 -29.79 7.58 -0.98
C GLN C 326 -29.31 8.35 -2.19
N LYS C 327 -30.21 8.62 -3.14
CA LYS C 327 -29.85 9.39 -4.32
C LYS C 327 -30.37 10.82 -4.15
N VAL C 328 -29.50 11.82 -4.24
CA VAL C 328 -29.96 13.19 -4.04
C VAL C 328 -29.64 14.18 -5.17
N LYS C 329 -30.64 14.98 -5.53
CA LYS C 329 -30.46 16.07 -6.50
C LYS C 329 -30.95 17.38 -5.89
N ILE C 330 -30.19 18.45 -6.09
CA ILE C 330 -30.67 19.77 -5.65
C ILE C 330 -30.30 20.87 -6.63
N GLU C 331 -31.30 21.63 -7.07
CA GLU C 331 -31.12 22.79 -7.93
C GLU C 331 -31.25 24.09 -7.13
N VAL C 332 -30.25 24.96 -7.24
CA VAL C 332 -30.36 26.26 -6.62
C VAL C 332 -30.22 27.45 -7.61
N ASN C 333 -31.10 28.44 -7.47
CA ASN C 333 -31.08 29.58 -8.38
C ASN C 333 -31.69 30.87 -7.81
N GLU C 334 -31.73 31.91 -8.64
CA GLU C 334 -32.23 33.23 -8.26
C GLU C 334 -33.63 33.17 -7.62
N SER C 335 -34.44 32.23 -8.06
CA SER C 335 -35.83 32.14 -7.61
C SER C 335 -36.11 31.20 -6.40
N GLY C 336 -35.43 30.05 -6.34
CA GLY C 336 -35.65 29.12 -5.25
C GLY C 336 -34.69 27.92 -5.22
N THR C 337 -35.17 26.84 -4.62
CA THR C 337 -34.47 25.59 -4.50
C THR C 337 -35.46 24.48 -4.84
N VAL C 338 -35.00 23.53 -5.65
CA VAL C 338 -35.74 22.32 -5.91
C VAL C 338 -34.79 21.18 -5.55
N ALA C 339 -35.26 20.26 -4.71
CA ALA C 339 -34.42 19.15 -4.23
C ALA C 339 -35.24 17.84 -4.13
N SER C 340 -34.53 16.74 -4.28
CA SER C 340 -35.15 15.43 -4.26
C SER C 340 -34.25 14.41 -3.63
N SER C 341 -34.85 13.58 -2.80
CA SER C 341 -34.16 12.47 -2.17
C SER C 341 -34.95 11.21 -2.39
N SER C 342 -34.24 10.13 -2.69
CA SER C 342 -34.86 8.81 -2.75
C SER C 342 -33.97 7.89 -1.96
N THR C 343 -34.45 7.45 -0.80
CA THR C 343 -33.64 6.67 0.13
C THR C 343 -34.07 5.22 -0.07
N ALA C 344 -33.12 4.34 -0.35
CA ALA C 344 -33.48 2.92 -0.60
C ALA C 344 -32.63 1.87 0.13
N VAL C 345 -33.30 0.79 0.50
CA VAL C 345 -32.64 -0.34 1.14
C VAL C 345 -33.10 -1.59 0.41
N ILE C 346 -32.16 -2.23 -0.28
CA ILE C 346 -32.46 -3.33 -1.18
C ILE C 346 -31.81 -4.64 -0.76
N VAL C 347 -32.59 -5.70 -0.81
CA VAL C 347 -32.09 -7.06 -0.61
C VAL C 347 -31.56 -7.61 -1.95
N SER C 348 -30.41 -8.29 -1.90
CA SER C 348 -29.76 -8.89 -3.09
C SER C 348 -29.00 -7.86 -3.92
N ALA C 349 -28.16 -8.36 -4.83
CA ALA C 349 -27.45 -7.54 -5.84
C ALA C 349 -26.46 -6.60 -5.21
N ARG C 350 -25.62 -6.01 -6.05
CA ARG C 350 -24.56 -5.13 -5.58
C ARG C 350 -24.84 -3.66 -5.92
N MET C 351 -24.00 -2.79 -5.37
CA MET C 351 -24.08 -1.35 -5.64
C MET C 351 -22.85 -0.85 -6.39
N ALA C 352 -23.05 0.09 -7.32
CA ALA C 352 -21.94 0.72 -8.02
C ALA C 352 -21.06 1.46 -7.02
N PRO C 353 -19.73 1.37 -7.18
CA PRO C 353 -18.89 2.09 -6.19
C PRO C 353 -19.29 3.58 -6.05
N GLU C 354 -18.87 4.24 -4.98
CA GLU C 354 -19.23 5.64 -4.74
C GLU C 354 -18.45 6.61 -5.62
N GLU C 355 -19.20 7.43 -6.35
CA GLU C 355 -18.62 8.52 -7.12
C GLU C 355 -18.53 9.77 -6.22
N ILE C 356 -17.31 10.12 -5.81
CA ILE C 356 -17.09 11.29 -4.95
C ILE C 356 -16.48 12.46 -5.73
N ILE C 357 -16.69 13.68 -5.23
CA ILE C 357 -16.04 14.90 -5.71
C ILE C 357 -15.63 15.69 -4.48
N MET C 358 -14.41 16.23 -4.45
CA MET C 358 -13.95 16.97 -3.28
C MET C 358 -13.44 18.35 -3.64
N ASP C 359 -13.87 19.38 -2.90
CA ASP C 359 -13.45 20.79 -3.09
C ASP C 359 -13.93 21.64 -1.91
N ARG C 360 -13.07 22.49 -1.38
CA ARG C 360 -13.37 23.28 -0.20
C ARG C 360 -14.82 23.75 -0.14
N PRO C 361 -15.58 23.33 0.89
CA PRO C 361 -17.00 23.62 0.84
C PRO C 361 -17.57 24.49 2.01
N PHE C 362 -18.84 24.91 1.85
CA PHE C 362 -19.56 25.56 2.93
C PHE C 362 -20.69 24.61 3.20
N LEU C 363 -21.29 24.69 4.39
CA LEU C 363 -22.38 23.82 4.77
C LEU C 363 -23.71 24.50 4.58
N PHE C 364 -24.69 23.75 4.11
CA PHE C 364 -26.06 24.29 4.00
C PHE C 364 -27.08 23.32 4.59
N VAL C 365 -28.18 23.87 5.10
CA VAL C 365 -29.26 23.08 5.71
C VAL C 365 -30.63 23.61 5.30
N VAL C 366 -31.52 22.75 4.79
CA VAL C 366 -32.91 23.12 4.55
C VAL C 366 -33.82 22.51 5.64
N ARG C 367 -34.34 23.40 6.49
CA ARG C 367 -35.10 23.08 7.72
C ARG C 367 -36.56 23.55 7.67
N HIS C 368 -37.47 22.70 8.14
CA HIS C 368 -38.86 23.10 8.37
C HIS C 368 -38.95 23.58 9.81
N ASN C 369 -39.10 24.87 9.98
CA ASN C 369 -38.97 25.43 11.32
C ASN C 369 -39.98 25.05 12.37
N PRO C 370 -41.27 25.01 12.00
CA PRO C 370 -42.24 24.67 13.03
C PRO C 370 -41.94 23.34 13.71
N THR C 371 -41.54 22.33 12.93
CA THR C 371 -41.26 21.00 13.46
C THR C 371 -39.81 20.77 13.77
N GLY C 372 -38.94 21.53 13.15
CA GLY C 372 -37.50 21.34 13.35
C GLY C 372 -36.93 20.25 12.46
N THR C 373 -37.63 19.96 11.37
CA THR C 373 -37.34 18.83 10.54
C THR C 373 -36.34 19.24 9.49
N VAL C 374 -35.20 18.56 9.46
CA VAL C 374 -34.18 18.84 8.48
C VAL C 374 -34.44 17.98 7.25
N LEU C 375 -34.85 18.60 6.15
CA LEU C 375 -35.25 17.85 5.00
C LEU C 375 -34.03 17.55 4.15
N PHE C 376 -33.12 18.52 4.07
CA PHE C 376 -31.91 18.40 3.30
C PHE C 376 -30.73 19.12 3.96
N MET C 377 -29.53 18.62 3.68
CA MET C 377 -28.29 19.28 4.06
C MET C 377 -27.15 18.87 3.12
N GLY C 378 -26.07 19.63 3.13
CA GLY C 378 -25.02 19.32 2.18
C GLY C 378 -23.81 20.22 2.29
N GLN C 379 -22.74 19.81 1.61
CA GLN C 379 -21.51 20.60 1.53
C GLN C 379 -21.31 20.89 0.04
N VAL C 380 -21.07 22.18 -0.28
CA VAL C 380 -20.94 22.66 -1.68
C VAL C 380 -19.79 23.64 -1.81
N MET C 381 -19.19 23.70 -2.99
CA MET C 381 -18.02 24.54 -3.26
C MET C 381 -18.15 25.95 -2.64
N GLU C 382 -17.15 26.36 -1.89
CA GLU C 382 -17.17 27.68 -1.28
C GLU C 382 -16.76 28.70 -2.33
N PRO C 383 -17.44 29.85 -2.36
CA PRO C 383 -16.97 30.89 -3.31
C PRO C 383 -15.53 31.36 -3.03
C1 TB7 D . 8.11 -11.88 -16.06
C2 TB7 D . 8.30 -10.45 -16.52
C3 TB7 D . 6.93 -9.86 -16.58
C4 TB7 D . 8.96 -10.38 -17.91
O5 TB7 D . 8.97 -9.62 -15.55
C6 TB7 D . 10.09 -10.12 -14.93
O7 TB7 D . 10.69 -11.11 -15.29
N8 TB7 D . 10.48 -9.33 -13.85
C9 TB7 D . 11.90 -9.09 -13.52
C10 TB7 D . 11.47 -7.74 -12.94
C11 TB7 D . 10.12 -7.90 -13.64
N12 TB7 D . 12.20 -6.62 -13.42
C13 TB7 D . 13.24 -6.13 -12.65
N14 TB7 D . 13.84 -5.04 -13.22
C15 TB7 D . 14.91 -4.34 -12.70
O16 TB7 D . 15.45 -3.37 -13.24
C17 TB7 D . 15.38 -4.87 -11.42
C18 TB7 D . 16.45 -4.27 -10.78
C19 TB7 D . 16.86 -4.79 -9.55
C20 TB7 D . 16.17 -5.88 -9.07
N21 TB7 D . 15.14 -6.48 -9.69
C22 TB7 D . 14.76 -5.96 -10.86
N23 TB7 D . 13.67 -6.58 -11.50
C1 TB7 E . 24.01 -1.63 11.96
C2 TB7 E . 22.54 -1.48 12.20
C3 TB7 E . 22.23 -0.01 12.06
C4 TB7 E . 22.19 -1.91 13.62
O5 TB7 E . 21.76 -2.14 11.18
C6 TB7 E . 21.95 -3.47 10.95
O7 TB7 E . 22.61 -4.20 11.65
N8 TB7 E . 21.27 -3.91 9.82
C9 TB7 E . 20.39 -5.09 9.80
C10 TB7 E . 19.69 -4.44 8.60
C11 TB7 E . 20.34 -3.12 9.03
N12 TB7 E . 18.26 -4.31 8.80
C13 TB7 E . 17.47 -5.24 8.18
N14 TB7 E . 16.17 -5.10 8.55
C15 TB7 E . 15.13 -5.87 8.12
O16 TB7 E . 13.96 -5.75 8.47
C17 TB7 E . 15.52 -6.87 7.17
C18 TB7 E . 14.52 -7.69 6.67
C19 TB7 E . 14.93 -8.64 5.75
C20 TB7 E . 16.27 -8.69 5.45
N21 TB7 E . 17.26 -7.90 5.92
C22 TB7 E . 16.84 -6.99 6.80
N23 TB7 E . 17.83 -6.15 7.32
C1 TB7 F . -40.74 10.66 12.10
C2 TB7 F . -40.48 9.65 11.01
C3 TB7 F . -39.75 8.48 11.58
C4 TB7 F . -39.60 10.27 9.94
O5 TB7 F . -41.69 9.15 10.45
C6 TB7 F . -42.43 10.12 9.82
O7 TB7 F . -42.03 11.26 9.66
N8 TB7 F . -43.63 9.65 9.39
C9 TB7 F . -44.50 10.26 8.36
C10 TB7 F . -45.05 8.86 8.10
C11 TB7 F . -43.83 8.31 8.85
N12 TB7 F . -44.87 8.45 6.75
C13 TB7 F . -45.88 8.56 5.87
N14 TB7 F . -45.54 8.06 4.67
C15 TB7 F . -46.32 8.04 3.54
O16 TB7 F . -46.00 7.60 2.44
C17 TB7 F . -47.63 8.60 3.79
C18 TB7 F . -48.53 8.64 2.76
C19 TB7 F . -49.77 9.22 3.05
C20 TB7 F . -49.99 9.69 4.31
N21 TB7 F . -49.11 9.65 5.32
C22 TB7 F . -47.93 9.10 5.03
N23 TB7 F . -47.04 9.08 6.10
#